data_5W9F
#
_entry.id   5W9F
#
_entity_poly.entity_id   1
_entity_poly.type   'polypeptide(L)'
_entity_poly.pdbx_seq_one_letter_code
;SQETRKKCTEMKKKFKNCEVRCDESNHCVEVRCSDTKYTLC
;
_entity_poly.pdbx_strand_id   A
#
# COMPACT_ATOMS: atom_id res chain seq x y z
N SER A 1 7.19 5.66 12.75
CA SER A 1 6.76 6.87 12.02
C SER A 1 7.19 6.75 10.54
N GLN A 2 6.22 6.99 9.62
CA GLN A 2 6.44 7.03 8.15
C GLN A 2 6.82 5.62 7.58
N GLU A 3 6.69 4.60 8.44
CA GLU A 3 6.86 3.16 8.09
C GLU A 3 5.77 2.75 7.07
N THR A 4 4.60 3.41 7.19
CA THR A 4 3.45 3.22 6.28
C THR A 4 3.76 3.79 4.88
N ARG A 5 4.37 4.97 4.80
CA ARG A 5 4.70 5.61 3.50
C ARG A 5 5.85 4.85 2.81
N LYS A 6 6.80 4.35 3.63
CA LYS A 6 7.89 3.44 3.20
C LYS A 6 7.26 2.16 2.60
N LYS A 7 6.28 1.60 3.33
CA LYS A 7 5.60 0.35 2.98
C LYS A 7 4.77 0.53 1.71
N CYS A 8 4.25 1.76 1.51
CA CYS A 8 3.48 2.11 0.30
C CYS A 8 4.39 2.08 -0.92
N THR A 9 5.58 2.70 -0.78
CA THR A 9 6.61 2.74 -1.84
C THR A 9 7.07 1.30 -2.20
N GLU A 10 7.24 0.46 -1.15
CA GLU A 10 7.65 -0.95 -1.27
C GLU A 10 6.58 -1.77 -2.01
N MET A 11 5.31 -1.54 -1.65
CA MET A 11 4.16 -2.22 -2.25
C MET A 11 3.96 -1.75 -3.71
N LYS A 12 4.37 -0.49 -4.02
CA LYS A 12 4.32 0.04 -5.41
C LYS A 12 5.40 -0.63 -6.28
N LYS A 13 6.55 -0.98 -5.67
CA LYS A 13 7.64 -1.69 -6.36
C LYS A 13 7.18 -3.10 -6.77
N LYS A 14 6.50 -3.77 -5.82
CA LYS A 14 6.04 -5.15 -5.98
C LYS A 14 4.74 -5.22 -6.82
N PHE A 15 3.87 -4.20 -6.65
CA PHE A 15 2.47 -4.24 -7.15
C PHE A 15 2.17 -2.95 -7.95
N LYS A 16 3.02 -2.65 -8.96
CA LYS A 16 2.89 -1.43 -9.80
C LYS A 16 1.69 -1.51 -10.76
N ASN A 17 1.19 -2.73 -11.03
CA ASN A 17 -0.06 -2.93 -11.81
C ASN A 17 -1.30 -2.65 -10.93
N CYS A 18 -1.14 -2.86 -9.60
CA CYS A 18 -2.22 -2.68 -8.62
C CYS A 18 -2.27 -1.24 -8.09
N GLU A 19 -3.44 -0.84 -7.60
CA GLU A 19 -3.67 0.50 -7.00
C GLU A 19 -3.17 0.51 -5.53
N VAL A 20 -1.86 0.73 -5.36
CA VAL A 20 -1.25 0.85 -4.03
C VAL A 20 -1.40 2.30 -3.54
N ARG A 21 -2.22 2.52 -2.51
CA ARG A 21 -2.52 3.86 -1.97
C ARG A 21 -1.89 4.03 -0.57
N CYS A 22 -1.12 5.12 -0.41
CA CYS A 22 -0.41 5.44 0.83
C CYS A 22 -1.38 6.10 1.83
N ASP A 23 -1.12 5.89 3.13
CA ASP A 23 -1.89 6.50 4.23
C ASP A 23 -0.95 7.01 5.33
N GLU A 24 -1.55 7.59 6.38
CA GLU A 24 -0.83 8.05 7.60
C GLU A 24 -1.78 8.07 8.80
N SER A 25 -3.08 8.28 8.54
CA SER A 25 -4.12 8.35 9.60
C SER A 25 -4.30 6.98 10.30
N ASN A 26 -4.35 5.90 9.49
CA ASN A 26 -4.52 4.51 9.98
C ASN A 26 -3.17 3.77 10.04
N HIS A 27 -2.15 4.30 9.30
CA HIS A 27 -0.81 3.67 9.14
C HIS A 27 -0.92 2.30 8.43
N CYS A 28 -1.87 2.22 7.49
CA CYS A 28 -2.21 1.00 6.75
C CYS A 28 -2.21 1.31 5.25
N VAL A 29 -1.41 0.57 4.48
CA VAL A 29 -1.34 0.70 3.02
C VAL A 29 -2.29 -0.30 2.38
N GLU A 30 -3.33 0.22 1.71
CA GLU A 30 -4.26 -0.60 0.93
C GLU A 30 -3.71 -0.72 -0.51
N VAL A 31 -3.85 -1.90 -1.07
CA VAL A 31 -3.47 -2.24 -2.44
C VAL A 31 -4.72 -2.81 -3.11
N ARG A 32 -5.04 -2.36 -4.33
CA ARG A 32 -6.31 -2.69 -4.99
C ARG A 32 -6.06 -3.04 -6.47
N CYS A 33 -5.79 -4.31 -6.75
CA CYS A 33 -5.46 -4.79 -8.10
C CYS A 33 -6.69 -4.75 -9.04
N SER A 34 -7.66 -5.66 -8.82
CA SER A 34 -8.94 -5.68 -9.57
C SER A 34 -9.97 -6.43 -8.71
N ASP A 35 -9.75 -7.73 -8.49
CA ASP A 35 -10.59 -8.57 -7.62
C ASP A 35 -9.92 -8.71 -6.24
N THR A 36 -8.57 -8.67 -6.23
CA THR A 36 -7.75 -8.82 -5.03
C THR A 36 -7.45 -7.42 -4.44
N LYS A 37 -7.91 -7.18 -3.21
CA LYS A 37 -7.69 -5.94 -2.46
C LYS A 37 -7.28 -6.32 -1.03
N TYR A 38 -6.09 -5.89 -0.61
CA TYR A 38 -5.49 -6.23 0.69
C TYR A 38 -4.81 -5.00 1.31
N THR A 39 -4.72 -4.95 2.64
CA THR A 39 -4.20 -3.78 3.37
C THR A 39 -3.12 -4.20 4.41
N LEU A 40 -1.85 -3.83 4.14
CA LEU A 40 -0.70 -4.14 5.01
C LEU A 40 -0.53 -3.00 6.03
N CYS A 41 -0.87 -3.31 7.29
CA CYS A 41 -0.73 -2.37 8.42
C CYS A 41 0.63 -2.58 9.12
N SER A 1 7.70 5.43 12.70
CA SER A 1 8.52 6.57 12.23
C SER A 1 8.31 6.78 10.73
N GLN A 2 8.69 5.77 9.93
CA GLN A 2 8.51 5.80 8.47
C GLN A 2 7.97 4.42 7.98
N GLU A 3 7.41 3.62 8.92
CA GLU A 3 6.93 2.23 8.62
C GLU A 3 5.91 2.20 7.47
N THR A 4 4.84 2.99 7.60
CA THR A 4 3.72 3.01 6.63
C THR A 4 4.08 3.78 5.34
N ARG A 5 5.02 4.74 5.45
CA ARG A 5 5.46 5.59 4.31
C ARG A 5 6.41 4.77 3.39
N LYS A 6 7.34 4.05 4.04
CA LYS A 6 8.25 3.07 3.40
C LYS A 6 7.45 1.95 2.73
N LYS A 7 6.40 1.50 3.43
CA LYS A 7 5.56 0.38 3.00
C LYS A 7 4.66 0.80 1.82
N CYS A 8 4.32 2.11 1.78
CA CYS A 8 3.69 2.75 0.61
C CYS A 8 4.59 2.63 -0.62
N THR A 9 5.88 3.03 -0.47
CA THR A 9 6.89 2.99 -1.55
C THR A 9 7.10 1.54 -2.04
N GLU A 10 7.25 0.63 -1.06
CA GLU A 10 7.55 -0.79 -1.26
C GLU A 10 6.42 -1.52 -1.99
N MET A 11 5.17 -1.33 -1.52
CA MET A 11 3.99 -1.98 -2.12
C MET A 11 3.72 -1.45 -3.54
N LYS A 12 4.08 -0.17 -3.82
CA LYS A 12 3.94 0.42 -5.18
C LYS A 12 4.97 -0.18 -6.15
N LYS A 13 6.23 -0.24 -5.70
CA LYS A 13 7.37 -0.69 -6.54
C LYS A 13 7.32 -2.22 -6.75
N LYS A 14 6.57 -2.93 -5.88
CA LYS A 14 6.34 -4.39 -5.97
C LYS A 14 5.04 -4.64 -6.79
N PHE A 15 3.91 -4.12 -6.29
CA PHE A 15 2.58 -4.28 -6.93
C PHE A 15 2.27 -3.07 -7.81
N LYS A 16 3.05 -2.89 -8.88
CA LYS A 16 2.93 -1.73 -9.78
C LYS A 16 1.73 -1.87 -10.75
N ASN A 17 1.21 -3.11 -10.87
CA ASN A 17 -0.02 -3.41 -11.66
C ASN A 17 -1.29 -3.31 -10.80
N CYS A 18 -1.13 -3.00 -9.49
CA CYS A 18 -2.24 -2.86 -8.54
C CYS A 18 -2.32 -1.42 -8.02
N GLU A 19 -3.55 -0.98 -7.66
CA GLU A 19 -3.80 0.36 -7.10
C GLU A 19 -3.37 0.36 -5.62
N VAL A 20 -2.10 0.63 -5.40
CA VAL A 20 -1.51 0.69 -4.07
C VAL A 20 -1.76 2.09 -3.49
N ARG A 21 -2.60 2.16 -2.44
CA ARG A 21 -3.01 3.42 -1.81
C ARG A 21 -2.13 3.68 -0.60
N CYS A 22 -1.24 4.67 -0.73
CA CYS A 22 -0.38 5.13 0.36
C CYS A 22 -1.22 5.85 1.43
N ASP A 23 -0.68 5.89 2.66
CA ASP A 23 -1.41 6.44 3.83
C ASP A 23 -0.42 6.64 5.00
N GLU A 24 -0.81 7.55 5.91
CA GLU A 24 -0.07 7.88 7.11
C GLU A 24 -1.04 7.97 8.32
N SER A 25 -2.33 8.26 8.04
CA SER A 25 -3.35 8.51 9.08
C SER A 25 -3.65 7.25 9.91
N ASN A 26 -4.06 6.19 9.20
CA ASN A 26 -4.47 4.90 9.80
C ASN A 26 -3.25 3.94 9.87
N HIS A 27 -2.15 4.29 9.15
CA HIS A 27 -0.87 3.53 9.14
C HIS A 27 -1.03 2.15 8.46
N CYS A 28 -1.73 2.14 7.31
CA CYS A 28 -1.92 0.92 6.49
C CYS A 28 -1.99 1.29 5.01
N VAL A 29 -1.51 0.38 4.14
CA VAL A 29 -1.49 0.57 2.68
C VAL A 29 -2.53 -0.37 2.03
N GLU A 30 -3.59 0.22 1.41
CA GLU A 30 -4.69 -0.54 0.77
C GLU A 30 -4.37 -0.77 -0.72
N VAL A 31 -4.07 -2.01 -1.08
CA VAL A 31 -3.72 -2.39 -2.45
C VAL A 31 -4.91 -3.07 -3.14
N ARG A 32 -5.53 -2.36 -4.10
CA ARG A 32 -6.68 -2.84 -4.89
C ARG A 32 -6.20 -3.20 -6.29
N CYS A 33 -5.95 -4.48 -6.55
CA CYS A 33 -5.55 -4.95 -7.90
C CYS A 33 -6.75 -4.83 -8.87
N SER A 34 -7.88 -5.47 -8.52
CA SER A 34 -9.18 -5.29 -9.23
C SER A 34 -10.31 -5.83 -8.35
N ASP A 35 -10.20 -7.11 -8.00
CA ASP A 35 -11.09 -7.78 -7.02
C ASP A 35 -10.34 -7.93 -5.70
N THR A 36 -9.12 -8.47 -5.81
CA THR A 36 -8.20 -8.70 -4.70
C THR A 36 -7.73 -7.36 -4.09
N LYS A 37 -8.43 -6.90 -3.05
CA LYS A 37 -8.08 -5.67 -2.32
C LYS A 37 -7.63 -6.03 -0.89
N TYR A 38 -6.31 -6.03 -0.69
CA TYR A 38 -5.65 -6.41 0.57
C TYR A 38 -4.93 -5.19 1.17
N THR A 39 -5.04 -5.02 2.49
CA THR A 39 -4.52 -3.85 3.20
C THR A 39 -3.41 -4.26 4.21
N LEU A 40 -2.15 -3.94 3.86
CA LEU A 40 -0.98 -4.29 4.68
C LEU A 40 -0.74 -3.20 5.75
N CYS A 41 -1.05 -3.56 7.00
CA CYS A 41 -0.82 -2.72 8.17
C CYS A 41 0.58 -3.05 8.77
N SER A 1 10.79 8.79 11.70
CA SER A 1 10.93 7.57 10.89
C SER A 1 9.76 7.42 9.91
N GLN A 2 10.05 6.87 8.71
CA GLN A 2 9.07 6.68 7.63
C GLN A 2 8.60 5.20 7.55
N GLU A 3 8.31 4.61 8.72
CA GLU A 3 7.92 3.19 8.85
C GLU A 3 6.71 2.83 7.96
N THR A 4 5.67 3.67 8.07
CA THR A 4 4.41 3.51 7.37
C THR A 4 4.47 4.07 5.94
N ARG A 5 5.23 5.17 5.80
CA ARG A 5 5.30 5.92 4.55
C ARG A 5 6.04 5.10 3.49
N LYS A 6 7.15 4.43 3.91
CA LYS A 6 8.02 3.63 3.02
C LYS A 6 7.23 2.43 2.44
N LYS A 7 6.19 1.98 3.20
CA LYS A 7 5.34 0.86 2.78
C LYS A 7 4.62 1.17 1.45
N CYS A 8 4.37 2.47 1.19
CA CYS A 8 3.89 2.94 -0.11
C CYS A 8 4.88 2.54 -1.23
N THR A 9 6.18 2.90 -1.05
CA THR A 9 7.26 2.53 -2.01
C THR A 9 7.38 1.01 -2.12
N GLU A 10 7.29 0.34 -0.98
CA GLU A 10 7.43 -1.12 -0.82
C GLU A 10 6.37 -1.87 -1.63
N MET A 11 5.12 -1.39 -1.54
CA MET A 11 3.97 -2.00 -2.21
C MET A 11 3.90 -1.60 -3.69
N LYS A 12 4.28 -0.36 -4.06
CA LYS A 12 4.26 0.09 -5.48
C LYS A 12 5.41 -0.56 -6.27
N LYS A 13 6.52 -0.84 -5.58
CA LYS A 13 7.71 -1.52 -6.14
C LYS A 13 7.37 -2.93 -6.64
N LYS A 14 6.51 -3.62 -5.88
CA LYS A 14 6.04 -4.97 -6.22
C LYS A 14 4.81 -4.88 -7.13
N PHE A 15 3.81 -4.15 -6.62
CA PHE A 15 2.44 -4.14 -7.13
C PHE A 15 2.19 -2.84 -7.89
N LYS A 16 3.09 -2.57 -8.86
CA LYS A 16 3.01 -1.41 -9.77
C LYS A 16 1.75 -1.45 -10.65
N ASN A 17 1.26 -2.68 -10.92
CA ASN A 17 0.05 -2.93 -11.74
C ASN A 17 -1.22 -3.02 -10.86
N CYS A 18 -1.06 -2.75 -9.55
CA CYS A 18 -2.16 -2.67 -8.59
C CYS A 18 -2.31 -1.23 -8.10
N GLU A 19 -3.53 -0.87 -7.65
CA GLU A 19 -3.81 0.46 -7.09
C GLU A 19 -3.39 0.46 -5.61
N VAL A 20 -2.11 0.76 -5.38
CA VAL A 20 -1.56 0.82 -4.03
C VAL A 20 -1.90 2.20 -3.44
N ARG A 21 -2.85 2.21 -2.50
CA ARG A 21 -3.32 3.43 -1.84
C ARG A 21 -2.53 3.63 -0.55
N CYS A 22 -1.58 4.57 -0.62
CA CYS A 22 -0.62 4.85 0.44
C CYS A 22 -1.26 5.71 1.54
N ASP A 23 -0.66 5.66 2.76
CA ASP A 23 -1.28 6.27 3.95
C ASP A 23 -0.26 6.33 5.10
N GLU A 24 -0.49 7.26 6.05
CA GLU A 24 0.28 7.40 7.31
C GLU A 24 -0.62 7.96 8.42
N SER A 25 -1.94 8.10 8.16
CA SER A 25 -2.91 8.57 9.17
C SER A 25 -3.43 7.35 9.94
N ASN A 26 -4.04 6.42 9.20
CA ASN A 26 -4.64 5.19 9.75
C ASN A 26 -3.57 4.09 9.93
N HIS A 27 -2.39 4.33 9.32
CA HIS A 27 -1.22 3.45 9.37
C HIS A 27 -1.48 2.13 8.68
N CYS A 28 -2.04 2.20 7.47
CA CYS A 28 -2.38 1.01 6.70
C CYS A 28 -2.53 1.34 5.20
N VAL A 29 -1.73 0.66 4.37
CA VAL A 29 -1.74 0.80 2.91
C VAL A 29 -2.68 -0.26 2.28
N GLU A 30 -3.78 0.20 1.65
CA GLU A 30 -4.73 -0.68 0.95
C GLU A 30 -4.27 -0.88 -0.50
N VAL A 31 -3.97 -2.12 -0.89
CA VAL A 31 -3.63 -2.42 -2.28
C VAL A 31 -4.85 -3.07 -2.97
N ARG A 32 -5.45 -2.31 -3.88
CA ARG A 32 -6.62 -2.71 -4.67
C ARG A 32 -6.16 -3.00 -6.12
N CYS A 33 -5.83 -4.26 -6.41
CA CYS A 33 -5.34 -4.64 -7.76
C CYS A 33 -6.41 -4.41 -8.84
N SER A 34 -7.61 -5.00 -8.64
CA SER A 34 -8.80 -4.77 -9.49
C SER A 34 -10.01 -5.47 -8.85
N ASP A 35 -9.92 -6.80 -8.79
CA ASP A 35 -10.90 -7.66 -8.10
C ASP A 35 -10.31 -8.11 -6.76
N THR A 36 -8.99 -8.37 -6.78
CA THR A 36 -8.23 -8.80 -5.61
C THR A 36 -7.74 -7.57 -4.82
N LYS A 37 -8.12 -7.51 -3.54
CA LYS A 37 -7.73 -6.42 -2.62
C LYS A 37 -7.14 -7.05 -1.36
N TYR A 38 -5.97 -6.57 -0.97
CA TYR A 38 -5.27 -6.97 0.26
C TYR A 38 -4.72 -5.71 0.92
N THR A 39 -4.92 -5.58 2.22
CA THR A 39 -4.59 -4.37 2.97
C THR A 39 -3.48 -4.69 3.99
N LEU A 40 -2.33 -4.03 3.84
CA LEU A 40 -1.14 -4.22 4.69
C LEU A 40 -1.06 -3.09 5.71
N CYS A 41 -1.51 -3.38 6.95
CA CYS A 41 -1.42 -2.45 8.08
C CYS A 41 -0.07 -2.71 8.82
N SER A 1 4.93 10.47 9.82
CA SER A 1 5.49 9.11 10.01
C SER A 1 5.59 8.38 8.67
N GLN A 2 6.79 7.79 8.39
CA GLN A 2 7.08 7.03 7.16
C GLN A 2 6.79 5.52 7.37
N GLU A 3 5.96 5.19 8.39
CA GLU A 3 5.53 3.80 8.67
C GLU A 3 4.79 3.23 7.45
N THR A 4 3.68 3.90 7.11
CA THR A 4 2.85 3.59 5.94
C THR A 4 3.61 3.86 4.64
N ARG A 5 4.40 4.95 4.60
CA ARG A 5 4.98 5.49 3.36
C ARG A 5 6.10 4.58 2.82
N LYS A 6 6.92 4.02 3.73
CA LYS A 6 7.99 3.06 3.40
C LYS A 6 7.37 1.80 2.77
N LYS A 7 6.33 1.27 3.44
CA LYS A 7 5.65 0.04 3.02
C LYS A 7 4.80 0.30 1.77
N CYS A 8 4.31 1.54 1.62
CA CYS A 8 3.50 1.94 0.46
C CYS A 8 4.38 1.89 -0.78
N THR A 9 5.55 2.55 -0.70
CA THR A 9 6.57 2.56 -1.78
C THR A 9 7.02 1.13 -2.11
N GLU A 10 7.22 0.32 -1.06
CA GLU A 10 7.68 -1.07 -1.16
C GLU A 10 6.62 -1.94 -1.87
N MET A 11 5.33 -1.63 -1.65
CA MET A 11 4.22 -2.31 -2.33
C MET A 11 3.97 -1.74 -3.73
N LYS A 12 4.29 -0.44 -3.99
CA LYS A 12 4.10 0.18 -5.34
C LYS A 12 5.10 -0.43 -6.33
N LYS A 13 6.34 -0.63 -5.85
CA LYS A 13 7.44 -1.21 -6.66
C LYS A 13 7.24 -2.73 -6.86
N LYS A 14 6.54 -3.38 -5.90
CA LYS A 14 6.23 -4.82 -5.95
C LYS A 14 4.97 -5.04 -6.82
N PHE A 15 4.06 -4.06 -6.77
CA PHE A 15 2.74 -4.13 -7.45
C PHE A 15 2.55 -2.90 -8.35
N LYS A 16 3.25 -2.89 -9.50
CA LYS A 16 3.14 -1.81 -10.51
C LYS A 16 1.75 -1.80 -11.18
N ASN A 17 1.06 -2.95 -11.17
CA ASN A 17 -0.24 -3.13 -11.83
C ASN A 17 -1.42 -2.88 -10.86
N CYS A 18 -1.13 -2.86 -9.55
CA CYS A 18 -2.15 -2.66 -8.50
C CYS A 18 -2.11 -1.22 -7.96
N GLU A 19 -3.29 -0.75 -7.51
CA GLU A 19 -3.50 0.62 -7.02
C GLU A 19 -3.12 0.70 -5.52
N VAL A 20 -1.81 0.83 -5.26
CA VAL A 20 -1.25 0.80 -3.91
C VAL A 20 -1.38 2.21 -3.27
N ARG A 21 -2.20 2.32 -2.21
CA ARG A 21 -2.54 3.63 -1.59
C ARG A 21 -1.85 3.78 -0.23
N CYS A 22 -1.12 4.89 -0.05
CA CYS A 22 -0.48 5.26 1.23
C CYS A 22 -1.54 5.94 2.13
N ASP A 23 -1.36 5.90 3.46
CA ASP A 23 -2.37 6.42 4.41
C ASP A 23 -1.74 6.55 5.81
N GLU A 24 -1.38 7.78 6.19
CA GLU A 24 -0.71 8.08 7.48
C GLU A 24 -1.73 8.17 8.64
N SER A 25 -3.00 8.47 8.31
CA SER A 25 -4.10 8.57 9.29
C SER A 25 -4.36 7.19 9.92
N ASN A 26 -4.44 6.16 9.06
CA ASN A 26 -4.62 4.76 9.45
C ASN A 26 -3.25 4.10 9.73
N HIS A 27 -2.15 4.80 9.31
CA HIS A 27 -0.75 4.31 9.42
C HIS A 27 -0.55 2.99 8.65
N CYS A 28 -1.43 2.75 7.66
CA CYS A 28 -1.55 1.45 6.96
C CYS A 28 -1.61 1.66 5.43
N VAL A 29 -1.25 0.61 4.67
CA VAL A 29 -1.27 0.63 3.19
C VAL A 29 -2.38 -0.26 2.67
N GLU A 30 -3.25 0.28 1.81
CA GLU A 30 -4.31 -0.48 1.16
C GLU A 30 -4.04 -0.61 -0.35
N VAL A 31 -3.79 -1.83 -0.81
CA VAL A 31 -3.51 -2.13 -2.21
C VAL A 31 -4.77 -2.69 -2.90
N ARG A 32 -5.31 -1.92 -3.86
CA ARG A 32 -6.50 -2.29 -4.62
C ARG A 32 -6.11 -2.88 -5.98
N CYS A 33 -6.03 -4.21 -6.09
CA CYS A 33 -5.95 -4.89 -7.41
C CYS A 33 -7.39 -5.16 -7.89
N SER A 34 -7.55 -5.39 -9.21
CA SER A 34 -8.88 -5.54 -9.85
C SER A 34 -9.71 -6.69 -9.26
N ASP A 35 -9.03 -7.80 -8.93
CA ASP A 35 -9.67 -9.03 -8.43
C ASP A 35 -9.15 -9.41 -7.03
N THR A 36 -8.22 -8.60 -6.46
CA THR A 36 -7.58 -8.93 -5.17
C THR A 36 -7.28 -7.63 -4.37
N LYS A 37 -8.21 -7.22 -3.50
CA LYS A 37 -8.00 -6.08 -2.61
C LYS A 37 -7.44 -6.60 -1.28
N TYR A 38 -6.22 -6.16 -0.92
CA TYR A 38 -5.53 -6.57 0.31
C TYR A 38 -4.90 -5.35 0.98
N THR A 39 -4.71 -5.42 2.30
CA THR A 39 -4.24 -4.30 3.11
C THR A 39 -3.06 -4.77 3.99
N LEU A 40 -1.91 -4.09 3.84
CA LEU A 40 -0.67 -4.37 4.61
C LEU A 40 -0.36 -3.15 5.50
N CYS A 41 -0.61 -3.29 6.81
CA CYS A 41 -0.35 -2.21 7.79
C CYS A 41 1.09 -2.28 8.34
N SER A 1 9.28 10.80 9.44
CA SER A 1 9.82 9.42 9.47
C SER A 1 9.12 8.57 8.40
N GLN A 2 9.84 8.21 7.32
CA GLN A 2 9.31 7.34 6.25
C GLN A 2 9.23 5.89 6.76
N GLU A 3 8.05 5.52 7.26
CA GLU A 3 7.80 4.22 7.90
C GLU A 3 6.58 3.55 7.21
N THR A 4 5.40 4.17 7.33
CA THR A 4 4.19 3.69 6.65
C THR A 4 4.17 4.13 5.17
N ARG A 5 4.84 5.27 4.88
CA ARG A 5 5.10 5.71 3.49
C ARG A 5 6.11 4.76 2.84
N LYS A 6 7.08 4.26 3.65
CA LYS A 6 8.05 3.21 3.24
C LYS A 6 7.32 1.96 2.79
N LYS A 7 6.31 1.55 3.60
CA LYS A 7 5.47 0.38 3.30
C LYS A 7 4.84 0.54 1.90
N CYS A 8 4.25 1.73 1.66
CA CYS A 8 3.59 2.05 0.40
C CYS A 8 4.59 2.10 -0.77
N THR A 9 5.82 2.56 -0.52
CA THR A 9 6.89 2.62 -1.55
C THR A 9 7.23 1.19 -2.01
N GLU A 10 7.37 0.29 -1.02
CA GLU A 10 7.66 -1.13 -1.26
C GLU A 10 6.50 -1.83 -1.98
N MET A 11 5.26 -1.47 -1.59
CA MET A 11 4.05 -2.07 -2.18
C MET A 11 3.82 -1.54 -3.62
N LYS A 12 4.17 -0.26 -3.89
CA LYS A 12 4.00 0.35 -5.24
C LYS A 12 4.95 -0.30 -6.24
N LYS A 13 6.21 -0.50 -5.81
CA LYS A 13 7.28 -1.03 -6.68
C LYS A 13 7.09 -2.53 -6.94
N LYS A 14 6.57 -3.25 -5.94
CA LYS A 14 6.34 -4.71 -6.00
C LYS A 14 5.05 -4.97 -6.80
N PHE A 15 4.03 -4.15 -6.51
CA PHE A 15 2.68 -4.26 -7.10
C PHE A 15 2.47 -3.08 -8.08
N LYS A 16 3.28 -3.11 -9.13
CA LYS A 16 3.39 -2.08 -10.18
C LYS A 16 2.05 -1.77 -10.89
N ASN A 17 1.19 -2.81 -11.04
CA ASN A 17 -0.11 -2.69 -11.76
C ASN A 17 -1.29 -2.55 -10.78
N CYS A 18 -1.03 -2.77 -9.48
CA CYS A 18 -2.06 -2.73 -8.43
C CYS A 18 -2.22 -1.31 -7.86
N GLU A 19 -3.45 -0.95 -7.42
CA GLU A 19 -3.73 0.39 -6.87
C GLU A 19 -3.28 0.46 -5.39
N VAL A 20 -2.00 0.75 -5.21
CA VAL A 20 -1.38 0.83 -3.89
C VAL A 20 -1.59 2.24 -3.30
N ARG A 21 -2.42 2.32 -2.25
CA ARG A 21 -2.82 3.59 -1.62
C ARG A 21 -1.94 3.88 -0.39
N CYS A 22 -1.04 4.87 -0.50
CA CYS A 22 -0.23 5.33 0.65
C CYS A 22 -1.14 5.98 1.70
N ASP A 23 -0.93 5.64 2.98
CA ASP A 23 -1.75 6.14 4.08
C ASP A 23 -0.89 6.31 5.33
N GLU A 24 -1.23 7.33 6.12
CA GLU A 24 -0.49 7.74 7.31
C GLU A 24 -1.45 8.17 8.42
N SER A 25 -2.77 8.17 8.11
CA SER A 25 -3.81 8.47 9.09
C SER A 25 -4.05 7.23 9.98
N ASN A 26 -4.14 6.07 9.32
CA ASN A 26 -4.33 4.75 9.98
C ASN A 26 -3.03 3.93 9.98
N HIS A 27 -2.09 4.35 9.11
CA HIS A 27 -0.80 3.66 8.85
C HIS A 27 -1.04 2.31 8.12
N CYS A 28 -2.16 2.23 7.38
CA CYS A 28 -2.58 1.02 6.66
C CYS A 28 -2.65 1.29 5.15
N VAL A 29 -1.76 0.65 4.38
CA VAL A 29 -1.66 0.83 2.94
C VAL A 29 -2.60 -0.17 2.23
N GLU A 30 -3.64 0.38 1.57
CA GLU A 30 -4.70 -0.42 0.91
C GLU A 30 -4.35 -0.63 -0.56
N VAL A 31 -4.07 -1.88 -0.92
CA VAL A 31 -3.76 -2.25 -2.30
C VAL A 31 -5.00 -2.91 -2.94
N ARG A 32 -5.65 -2.19 -3.85
CA ARG A 32 -6.77 -2.69 -4.65
C ARG A 32 -6.26 -2.98 -6.06
N CYS A 33 -5.76 -4.21 -6.30
CA CYS A 33 -5.09 -4.54 -7.57
C CYS A 33 -6.07 -4.51 -8.76
N SER A 34 -7.19 -5.23 -8.60
CA SER A 34 -8.28 -5.29 -9.60
C SER A 34 -9.37 -6.20 -9.04
N ASP A 35 -8.93 -7.42 -8.71
CA ASP A 35 -9.76 -8.46 -8.07
C ASP A 35 -9.10 -8.87 -6.73
N THR A 36 -7.75 -8.82 -6.71
CA THR A 36 -6.95 -9.14 -5.52
C THR A 36 -6.84 -7.87 -4.65
N LYS A 37 -7.52 -7.88 -3.50
CA LYS A 37 -7.63 -6.71 -2.63
C LYS A 37 -7.12 -7.09 -1.23
N TYR A 38 -5.98 -6.48 -0.85
CA TYR A 38 -5.33 -6.70 0.46
C TYR A 38 -4.87 -5.34 1.02
N THR A 39 -4.81 -5.23 2.35
CA THR A 39 -4.36 -4.02 3.04
C THR A 39 -3.30 -4.41 4.07
N LEU A 40 -2.04 -4.08 3.78
CA LEU A 40 -0.91 -4.31 4.70
C LEU A 40 -0.85 -3.12 5.68
N CYS A 41 -0.85 -3.44 6.99
CA CYS A 41 -0.83 -2.43 8.05
C CYS A 41 0.02 -2.96 9.23
N SER A 1 7.31 7.49 11.92
CA SER A 1 6.88 8.53 10.95
C SER A 1 6.74 7.92 9.53
N GLN A 2 7.84 7.33 9.03
CA GLN A 2 7.91 6.81 7.64
C GLN A 2 7.78 5.26 7.63
N GLU A 3 7.07 4.71 8.64
CA GLU A 3 6.78 3.25 8.74
C GLU A 3 5.96 2.78 7.51
N THR A 4 4.75 3.28 7.46
CA THR A 4 3.74 2.96 6.44
C THR A 4 4.01 3.69 5.11
N ARG A 5 4.71 4.84 5.18
CA ARG A 5 5.14 5.59 3.97
C ARG A 5 6.22 4.81 3.18
N LYS A 6 7.16 4.15 3.91
CA LYS A 6 8.12 3.20 3.33
C LYS A 6 7.36 2.02 2.71
N LYS A 7 6.35 1.55 3.46
CA LYS A 7 5.55 0.38 3.11
C LYS A 7 4.70 0.66 1.85
N CYS A 8 4.35 1.95 1.68
CA CYS A 8 3.72 2.48 0.45
C CYS A 8 4.67 2.29 -0.75
N THR A 9 5.93 2.74 -0.59
CA THR A 9 6.97 2.66 -1.63
C THR A 9 7.23 1.19 -2.03
N GLU A 10 7.31 0.32 -1.01
CA GLU A 10 7.54 -1.12 -1.19
C GLU A 10 6.41 -1.76 -2.00
N MET A 11 5.16 -1.50 -1.57
CA MET A 11 3.97 -2.04 -2.24
C MET A 11 3.83 -1.47 -3.68
N LYS A 12 4.31 -0.23 -3.92
CA LYS A 12 4.22 0.39 -5.28
C LYS A 12 5.22 -0.27 -6.25
N LYS A 13 6.49 -0.37 -5.84
CA LYS A 13 7.56 -0.93 -6.71
C LYS A 13 7.37 -2.44 -6.96
N LYS A 14 6.65 -3.11 -6.03
CA LYS A 14 6.34 -4.54 -6.11
C LYS A 14 5.02 -4.76 -6.90
N PHE A 15 3.96 -4.06 -6.46
CA PHE A 15 2.59 -4.20 -7.01
C PHE A 15 2.24 -2.97 -7.86
N LYS A 16 3.12 -2.66 -8.83
CA LYS A 16 2.98 -1.50 -9.73
C LYS A 16 1.74 -1.62 -10.66
N ASN A 17 1.30 -2.87 -10.89
CA ASN A 17 0.12 -3.17 -11.70
C ASN A 17 -1.18 -3.03 -10.87
N CYS A 18 -1.03 -3.17 -9.54
CA CYS A 18 -2.13 -3.04 -8.58
C CYS A 18 -2.21 -1.59 -8.06
N GLU A 19 -3.43 -1.14 -7.64
CA GLU A 19 -3.66 0.24 -7.16
C GLU A 19 -3.28 0.36 -5.68
N VAL A 20 -2.01 0.69 -5.44
CA VAL A 20 -1.44 0.81 -4.11
C VAL A 20 -1.77 2.20 -3.54
N ARG A 21 -2.68 2.22 -2.55
CA ARG A 21 -3.19 3.45 -1.91
C ARG A 21 -2.46 3.65 -0.59
N CYS A 22 -1.53 4.62 -0.60
CA CYS A 22 -0.68 4.94 0.54
C CYS A 22 -1.44 5.77 1.60
N ASP A 23 -0.91 5.76 2.83
CA ASP A 23 -1.54 6.39 3.99
C ASP A 23 -0.51 6.48 5.12
N GLU A 24 -0.77 7.37 6.10
CA GLU A 24 0.05 7.51 7.31
C GLU A 24 -0.83 7.62 8.56
N SER A 25 -2.09 8.05 8.35
CA SER A 25 -3.02 8.41 9.44
C SER A 25 -3.55 7.16 10.16
N ASN A 26 -4.00 6.18 9.36
CA ASN A 26 -4.48 4.86 9.85
C ASN A 26 -3.30 3.87 9.94
N HIS A 27 -2.18 4.24 9.28
CA HIS A 27 -0.95 3.42 9.18
C HIS A 27 -1.16 2.20 8.26
N CYS A 28 -2.13 2.31 7.33
CA CYS A 28 -2.61 1.19 6.52
C CYS A 28 -2.58 1.51 5.02
N VAL A 29 -1.78 0.74 4.25
CA VAL A 29 -1.69 0.83 2.79
C VAL A 29 -2.69 -0.15 2.15
N GLU A 30 -3.73 0.38 1.48
CA GLU A 30 -4.77 -0.43 0.80
C GLU A 30 -4.35 -0.68 -0.66
N VAL A 31 -4.02 -1.92 -1.01
CA VAL A 31 -3.67 -2.28 -2.38
C VAL A 31 -4.88 -2.95 -3.04
N ARG A 32 -5.51 -2.22 -3.98
CA ARG A 32 -6.68 -2.65 -4.75
C ARG A 32 -6.25 -3.05 -6.17
N CYS A 33 -5.94 -4.33 -6.38
CA CYS A 33 -5.38 -4.76 -7.68
C CYS A 33 -6.47 -4.77 -8.78
N SER A 34 -7.39 -5.74 -8.72
CA SER A 34 -8.56 -5.81 -9.63
C SER A 34 -9.66 -6.66 -8.96
N ASP A 35 -9.31 -7.92 -8.66
CA ASP A 35 -10.20 -8.90 -8.00
C ASP A 35 -9.81 -9.08 -6.53
N THR A 36 -8.53 -8.78 -6.22
CA THR A 36 -7.95 -8.93 -4.88
C THR A 36 -7.62 -7.54 -4.30
N LYS A 37 -8.08 -7.28 -3.06
CA LYS A 37 -7.79 -6.05 -2.32
C LYS A 37 -7.30 -6.44 -0.93
N TYR A 38 -6.06 -6.07 -0.60
CA TYR A 38 -5.40 -6.42 0.68
C TYR A 38 -4.76 -5.17 1.28
N THR A 39 -4.79 -5.05 2.62
CA THR A 39 -4.31 -3.86 3.33
C THR A 39 -3.16 -4.23 4.29
N LEU A 40 -1.96 -3.72 3.99
CA LEU A 40 -0.74 -3.91 4.80
C LEU A 40 -0.56 -2.72 5.74
N CYS A 41 -0.92 -2.93 7.00
CA CYS A 41 -0.80 -1.92 8.07
C CYS A 41 0.57 -2.05 8.76
N SER A 1 7.73 6.82 13.07
CA SER A 1 7.97 5.65 12.22
C SER A 1 7.56 5.94 10.77
N GLN A 2 8.44 5.58 9.80
CA GLN A 2 8.17 5.71 8.36
C GLN A 2 7.51 4.41 7.81
N GLU A 3 7.23 3.44 8.70
CA GLU A 3 6.75 2.07 8.35
C GLU A 3 5.59 2.09 7.33
N THR A 4 4.57 2.91 7.60
CA THR A 4 3.38 3.03 6.74
C THR A 4 3.72 3.65 5.35
N ARG A 5 4.62 4.67 5.32
CA ARG A 5 4.94 5.43 4.09
C ARG A 5 5.87 4.61 3.14
N LYS A 6 6.94 4.05 3.73
CA LYS A 6 8.00 3.35 2.97
C LYS A 6 7.49 1.98 2.46
N LYS A 7 6.53 1.39 3.22
CA LYS A 7 5.90 0.10 2.87
C LYS A 7 4.95 0.30 1.69
N CYS A 8 4.36 1.50 1.57
CA CYS A 8 3.55 1.88 0.41
C CYS A 8 4.43 1.94 -0.84
N THR A 9 5.63 2.55 -0.68
CA THR A 9 6.68 2.62 -1.73
C THR A 9 7.13 1.20 -2.16
N GLU A 10 7.27 0.32 -1.14
CA GLU A 10 7.63 -1.10 -1.29
C GLU A 10 6.55 -1.83 -2.11
N MET A 11 5.28 -1.60 -1.75
CA MET A 11 4.13 -2.24 -2.40
C MET A 11 3.91 -1.69 -3.82
N LYS A 12 4.35 -0.45 -4.11
CA LYS A 12 4.22 0.15 -5.46
C LYS A 12 5.20 -0.48 -6.45
N LYS A 13 6.48 -0.58 -6.05
CA LYS A 13 7.55 -1.13 -6.91
C LYS A 13 7.37 -2.66 -7.10
N LYS A 14 6.65 -3.29 -6.15
CA LYS A 14 6.34 -4.72 -6.15
C LYS A 14 5.04 -4.98 -6.97
N PHE A 15 4.03 -4.12 -6.72
CA PHE A 15 2.66 -4.25 -7.29
C PHE A 15 2.35 -3.00 -8.14
N LYS A 16 3.02 -2.91 -9.28
CA LYS A 16 2.99 -1.73 -10.16
C LYS A 16 1.62 -1.51 -10.85
N ASN A 17 0.93 -2.62 -11.17
CA ASN A 17 -0.41 -2.58 -11.81
C ASN A 17 -1.54 -2.72 -10.76
N CYS A 18 -1.21 -2.38 -9.49
CA CYS A 18 -2.17 -2.39 -8.38
C CYS A 18 -2.27 -0.98 -7.76
N GLU A 19 -3.47 -0.62 -7.28
CA GLU A 19 -3.74 0.67 -6.66
C GLU A 19 -3.28 0.63 -5.19
N VAL A 20 -1.98 0.88 -5.00
CA VAL A 20 -1.32 0.87 -3.70
C VAL A 20 -1.53 2.25 -3.03
N ARG A 21 -2.34 2.27 -1.95
CA ARG A 21 -2.82 3.51 -1.30
C ARG A 21 -1.93 3.83 -0.08
N CYS A 22 -1.20 4.95 -0.15
CA CYS A 22 -0.37 5.46 0.97
C CYS A 22 -1.25 6.32 1.89
N ASP A 23 -1.07 6.20 3.23
CA ASP A 23 -1.84 7.03 4.19
C ASP A 23 -1.36 6.77 5.63
N GLU A 24 -0.71 7.79 6.22
CA GLU A 24 -0.19 7.74 7.61
C GLU A 24 -1.35 7.84 8.64
N SER A 25 -2.45 8.49 8.23
CA SER A 25 -3.66 8.65 9.09
C SER A 25 -4.41 7.31 9.27
N ASN A 26 -4.35 6.47 8.21
CA ASN A 26 -4.87 5.08 8.23
C ASN A 26 -3.85 4.16 8.91
N HIS A 27 -2.54 4.56 8.85
CA HIS A 27 -1.40 3.79 9.42
C HIS A 27 -1.26 2.44 8.70
N CYS A 28 -1.81 2.37 7.48
CA CYS A 28 -2.03 1.11 6.78
C CYS A 28 -2.12 1.36 5.25
N VAL A 29 -1.41 0.51 4.49
CA VAL A 29 -1.32 0.59 3.02
C VAL A 29 -2.34 -0.37 2.38
N GLU A 30 -3.34 0.16 1.64
CA GLU A 30 -4.34 -0.70 0.97
C GLU A 30 -4.00 -0.87 -0.51
N VAL A 31 -3.67 -2.09 -0.91
CA VAL A 31 -3.32 -2.43 -2.28
C VAL A 31 -4.55 -3.09 -2.95
N ARG A 32 -5.15 -2.37 -3.91
CA ARG A 32 -6.35 -2.79 -4.62
C ARG A 32 -5.99 -3.08 -6.09
N CYS A 33 -5.62 -4.35 -6.38
CA CYS A 33 -5.26 -4.80 -7.75
C CYS A 33 -6.53 -4.88 -8.64
N SER A 34 -7.34 -5.94 -8.41
CA SER A 34 -8.63 -6.15 -9.11
C SER A 34 -9.34 -7.37 -8.48
N ASP A 35 -8.55 -8.44 -8.23
CA ASP A 35 -9.07 -9.74 -7.75
C ASP A 35 -8.83 -9.97 -6.26
N THR A 36 -7.71 -9.42 -5.73
CA THR A 36 -7.17 -9.83 -4.42
C THR A 36 -7.66 -8.89 -3.28
N LYS A 37 -7.23 -7.61 -3.33
CA LYS A 37 -7.56 -6.55 -2.34
C LYS A 37 -7.05 -6.94 -0.93
N TYR A 38 -5.88 -6.40 -0.58
CA TYR A 38 -5.21 -6.68 0.70
C TYR A 38 -4.68 -5.37 1.31
N THR A 39 -4.67 -5.27 2.65
CA THR A 39 -4.33 -4.03 3.35
C THR A 39 -3.23 -4.31 4.42
N LEU A 40 -1.99 -3.86 4.13
CA LEU A 40 -0.80 -4.06 4.97
C LEU A 40 -0.68 -2.95 6.04
N CYS A 41 -1.16 -3.25 7.24
CA CYS A 41 -1.11 -2.34 8.40
C CYS A 41 0.24 -2.46 9.14
N SER A 1 6.61 10.81 8.58
CA SER A 1 7.18 9.56 9.12
C SER A 1 7.16 8.48 8.02
N GLN A 2 8.37 8.10 7.54
CA GLN A 2 8.56 7.12 6.45
C GLN A 2 8.50 5.68 7.00
N GLU A 3 7.32 5.31 7.53
CA GLU A 3 7.08 4.00 8.15
C GLU A 3 6.03 3.25 7.31
N THR A 4 4.78 3.72 7.42
CA THR A 4 3.67 3.25 6.57
C THR A 4 3.90 3.74 5.12
N ARG A 5 4.57 4.90 4.99
CA ARG A 5 4.96 5.47 3.70
C ARG A 5 5.96 4.56 2.98
N LYS A 6 7.00 4.07 3.72
CA LYS A 6 8.06 3.24 3.14
C LYS A 6 7.48 1.88 2.72
N LYS A 7 6.45 1.42 3.47
CA LYS A 7 5.73 0.18 3.19
C LYS A 7 4.92 0.32 1.90
N CYS A 8 4.32 1.51 1.69
CA CYS A 8 3.60 1.83 0.46
C CYS A 8 4.54 1.82 -0.74
N THR A 9 5.78 2.31 -0.54
CA THR A 9 6.84 2.31 -1.55
C THR A 9 7.25 0.86 -1.88
N GLU A 10 7.37 0.06 -0.80
CA GLU A 10 7.74 -1.37 -0.85
C GLU A 10 6.68 -2.17 -1.63
N MET A 11 5.43 -1.75 -1.52
CA MET A 11 4.32 -2.38 -2.25
C MET A 11 4.26 -1.89 -3.71
N LYS A 12 4.37 -0.57 -3.94
CA LYS A 12 4.25 0.04 -5.31
C LYS A 12 5.32 -0.49 -6.27
N LYS A 13 6.55 -0.68 -5.73
CA LYS A 13 7.71 -1.15 -6.52
C LYS A 13 7.51 -2.61 -7.00
N LYS A 14 6.61 -3.35 -6.33
CA LYS A 14 6.20 -4.71 -6.74
C LYS A 14 4.94 -4.64 -7.61
N PHE A 15 3.95 -3.86 -7.13
CA PHE A 15 2.58 -3.84 -7.64
C PHE A 15 2.32 -2.49 -8.32
N LYS A 16 2.94 -2.30 -9.50
CA LYS A 16 2.73 -1.11 -10.34
C LYS A 16 1.32 -1.08 -10.93
N ASN A 17 0.80 -2.27 -11.25
CA ASN A 17 -0.53 -2.43 -11.86
C ASN A 17 -1.61 -2.19 -10.81
N CYS A 18 -1.42 -2.85 -9.66
CA CYS A 18 -2.38 -2.86 -8.57
C CYS A 18 -2.33 -1.53 -7.78
N GLU A 19 -3.52 -1.02 -7.38
CA GLU A 19 -3.67 0.30 -6.76
C GLU A 19 -3.17 0.29 -5.30
N VAL A 20 -1.86 0.51 -5.12
CA VAL A 20 -1.27 0.66 -3.81
C VAL A 20 -1.43 2.13 -3.37
N ARG A 21 -2.32 2.39 -2.40
CA ARG A 21 -2.53 3.75 -1.90
C ARG A 21 -1.73 3.94 -0.60
N CYS A 22 -0.91 4.99 -0.57
CA CYS A 22 -0.14 5.37 0.62
C CYS A 22 -1.06 6.08 1.61
N ASP A 23 -0.84 5.81 2.90
CA ASP A 23 -1.67 6.36 3.98
C ASP A 23 -0.78 6.65 5.19
N GLU A 24 -1.26 7.56 6.05
CA GLU A 24 -0.65 7.88 7.35
C GLU A 24 -1.74 8.41 8.30
N SER A 25 -3.02 8.31 7.89
CA SER A 25 -4.16 8.75 8.69
C SER A 25 -4.52 7.64 9.69
N ASN A 26 -4.73 6.43 9.15
CA ASN A 26 -4.95 5.21 9.97
C ASN A 26 -3.67 4.35 10.01
N HIS A 27 -2.62 4.80 9.26
CA HIS A 27 -1.28 4.19 9.22
C HIS A 27 -1.32 2.75 8.69
N CYS A 28 -2.08 2.57 7.60
CA CYS A 28 -2.18 1.27 6.92
C CYS A 28 -2.36 1.47 5.41
N VAL A 29 -1.54 0.76 4.63
CA VAL A 29 -1.51 0.83 3.17
C VAL A 29 -2.47 -0.20 2.58
N GLU A 30 -3.49 0.27 1.82
CA GLU A 30 -4.40 -0.63 1.10
C GLU A 30 -3.91 -0.78 -0.34
N VAL A 31 -3.88 -2.03 -0.81
CA VAL A 31 -3.58 -2.36 -2.20
C VAL A 31 -4.81 -3.02 -2.82
N ARG A 32 -5.47 -2.31 -3.74
CA ARG A 32 -6.51 -2.88 -4.60
C ARG A 32 -5.83 -3.47 -5.85
N CYS A 33 -6.53 -4.33 -6.60
CA CYS A 33 -6.10 -4.72 -7.95
C CYS A 33 -7.36 -5.13 -8.74
N SER A 34 -7.85 -6.36 -8.45
CA SER A 34 -9.14 -6.88 -8.96
C SER A 34 -9.52 -8.11 -8.11
N ASP A 35 -8.70 -9.15 -8.23
CA ASP A 35 -8.93 -10.47 -7.59
C ASP A 35 -8.38 -10.49 -6.16
N THR A 36 -7.33 -9.72 -5.90
CA THR A 36 -6.62 -9.76 -4.62
C THR A 36 -7.29 -8.80 -3.60
N LYS A 37 -6.93 -7.50 -3.65
CA LYS A 37 -7.38 -6.46 -2.70
C LYS A 37 -7.00 -6.88 -1.25
N TYR A 38 -5.82 -6.43 -0.81
CA TYR A 38 -5.25 -6.75 0.51
C TYR A 38 -4.71 -5.48 1.16
N THR A 39 -4.59 -5.47 2.48
CA THR A 39 -4.22 -4.28 3.24
C THR A 39 -3.04 -4.62 4.19
N LEU A 40 -1.89 -3.95 4.02
CA LEU A 40 -0.68 -4.10 4.85
C LEU A 40 -0.61 -2.95 5.87
N CYS A 41 -0.91 -3.25 7.13
CA CYS A 41 -0.87 -2.28 8.22
C CYS A 41 0.51 -2.31 8.91
N SER A 1 6.80 8.60 12.68
CA SER A 1 6.28 7.38 12.02
C SER A 1 6.33 7.54 10.48
N GLN A 2 7.32 6.88 9.86
CA GLN A 2 7.50 6.81 8.39
C GLN A 2 7.36 5.35 7.90
N GLU A 3 7.31 4.37 8.83
CA GLU A 3 7.25 2.92 8.51
C GLU A 3 6.06 2.56 7.57
N THR A 4 4.95 3.27 7.75
CA THR A 4 3.74 3.11 6.92
C THR A 4 3.90 3.80 5.55
N ARG A 5 4.71 4.89 5.49
CA ARG A 5 4.95 5.64 4.24
C ARG A 5 5.97 4.87 3.36
N LYS A 6 6.91 4.16 4.01
CA LYS A 6 7.93 3.35 3.31
C LYS A 6 7.22 2.10 2.76
N LYS A 7 6.18 1.63 3.50
CA LYS A 7 5.33 0.51 3.09
C LYS A 7 4.65 0.82 1.74
N CYS A 8 4.26 2.11 1.56
CA CYS A 8 3.73 2.61 0.28
C CYS A 8 4.72 2.31 -0.86
N THR A 9 5.98 2.73 -0.65
CA THR A 9 7.09 2.54 -1.61
C THR A 9 7.32 1.04 -1.90
N GLU A 10 7.26 0.24 -0.82
CA GLU A 10 7.51 -1.21 -0.84
C GLU A 10 6.44 -1.93 -1.69
N MET A 11 5.18 -1.45 -1.57
CA MET A 11 4.03 -2.01 -2.29
C MET A 11 4.01 -1.51 -3.75
N LYS A 12 4.45 -0.26 -3.98
CA LYS A 12 4.46 0.37 -5.32
C LYS A 12 5.44 -0.34 -6.26
N LYS A 13 6.68 -0.59 -5.76
CA LYS A 13 7.79 -1.12 -6.56
C LYS A 13 7.52 -2.56 -7.08
N LYS A 14 6.66 -3.31 -6.36
CA LYS A 14 6.32 -4.70 -6.70
C LYS A 14 4.95 -4.74 -7.39
N PHE A 15 3.98 -4.10 -6.75
CA PHE A 15 2.57 -4.10 -7.17
C PHE A 15 2.29 -2.84 -8.01
N LYS A 16 3.15 -2.64 -9.02
CA LYS A 16 3.05 -1.51 -9.98
C LYS A 16 1.74 -1.58 -10.79
N ASN A 17 1.26 -2.83 -10.99
CA ASN A 17 0.04 -3.13 -11.76
C ASN A 17 -1.22 -2.89 -10.90
N CYS A 18 -1.03 -2.94 -9.58
CA CYS A 18 -2.10 -2.78 -8.58
C CYS A 18 -2.28 -1.31 -8.18
N GLU A 19 -3.46 -1.00 -7.63
CA GLU A 19 -3.81 0.35 -7.16
C GLU A 19 -3.42 0.44 -5.67
N VAL A 20 -2.16 0.81 -5.43
CA VAL A 20 -1.61 0.89 -4.06
C VAL A 20 -2.02 2.26 -3.46
N ARG A 21 -2.96 2.20 -2.51
CA ARG A 21 -3.51 3.39 -1.83
C ARG A 21 -2.78 3.58 -0.48
N CYS A 22 -1.89 4.58 -0.44
CA CYS A 22 -1.00 4.84 0.69
C CYS A 22 -1.61 5.89 1.64
N ASP A 23 -1.27 5.81 2.94
CA ASP A 23 -1.76 6.75 3.96
C ASP A 23 -1.02 6.53 5.29
N GLU A 24 -0.54 7.62 5.91
CA GLU A 24 0.27 7.54 7.14
C GLU A 24 -0.62 7.70 8.40
N SER A 25 -1.72 8.47 8.28
CA SER A 25 -2.61 8.80 9.40
C SER A 25 -3.36 7.55 9.91
N ASN A 26 -3.64 6.63 8.97
CA ASN A 26 -4.30 5.33 9.23
C ASN A 26 -3.24 4.25 9.57
N HIS A 27 -1.96 4.55 9.23
CA HIS A 27 -0.79 3.67 9.49
C HIS A 27 -0.94 2.32 8.76
N CYS A 28 -1.45 2.40 7.52
CA CYS A 28 -1.78 1.21 6.72
C CYS A 28 -1.97 1.58 5.24
N VAL A 29 -1.73 0.61 4.36
CA VAL A 29 -1.79 0.77 2.89
C VAL A 29 -2.72 -0.32 2.28
N GLU A 30 -3.83 0.12 1.66
CA GLU A 30 -4.74 -0.78 0.93
C GLU A 30 -4.27 -0.93 -0.53
N VAL A 31 -3.84 -2.12 -0.91
CA VAL A 31 -3.46 -2.42 -2.28
C VAL A 31 -4.64 -3.13 -2.98
N ARG A 32 -5.28 -2.39 -3.89
CA ARG A 32 -6.45 -2.85 -4.64
C ARG A 32 -6.06 -3.16 -6.09
N CYS A 33 -5.66 -4.41 -6.36
CA CYS A 33 -5.25 -4.82 -7.71
C CYS A 33 -6.45 -4.84 -8.67
N SER A 34 -7.45 -5.69 -8.37
CA SER A 34 -8.68 -5.82 -9.17
C SER A 34 -9.74 -6.63 -8.36
N ASP A 35 -9.42 -7.90 -8.09
CA ASP A 35 -10.29 -8.82 -7.33
C ASP A 35 -9.60 -9.30 -6.04
N THR A 36 -8.24 -9.17 -5.98
CA THR A 36 -7.47 -9.54 -4.77
C THR A 36 -7.82 -8.57 -3.62
N LYS A 37 -7.39 -7.29 -3.77
CA LYS A 37 -7.60 -6.20 -2.80
C LYS A 37 -7.24 -6.61 -1.35
N TYR A 38 -5.97 -6.43 -0.99
CA TYR A 38 -5.43 -6.72 0.36
C TYR A 38 -4.92 -5.43 1.01
N THR A 39 -4.91 -5.40 2.35
CA THR A 39 -4.55 -4.19 3.12
C THR A 39 -3.48 -4.55 4.17
N LEU A 40 -2.26 -4.03 3.99
CA LEU A 40 -1.12 -4.28 4.89
C LEU A 40 -1.05 -3.15 5.91
N CYS A 41 -1.27 -3.48 7.19
CA CYS A 41 -1.24 -2.51 8.30
C CYS A 41 -0.03 -2.82 9.21
N SER A 1 8.92 8.94 11.40
CA SER A 1 7.91 7.91 11.07
C SER A 1 7.89 7.67 9.55
N GLN A 2 8.27 6.46 9.16
CA GLN A 2 8.28 6.01 7.76
C GLN A 2 8.20 4.48 7.79
N GLU A 3 6.98 3.99 7.97
CA GLU A 3 6.68 2.56 8.20
C GLU A 3 5.58 2.11 7.23
N THR A 4 4.41 2.77 7.28
CA THR A 4 3.33 2.59 6.28
C THR A 4 3.66 3.41 5.02
N ARG A 5 4.43 4.48 5.24
CA ARG A 5 4.86 5.40 4.19
C ARG A 5 5.91 4.71 3.28
N LYS A 6 6.90 4.08 3.94
CA LYS A 6 7.92 3.22 3.28
C LYS A 6 7.23 2.01 2.62
N LYS A 7 6.29 1.42 3.35
CA LYS A 7 5.55 0.20 2.95
C LYS A 7 4.85 0.41 1.61
N CYS A 8 4.18 1.58 1.48
CA CYS A 8 3.43 1.95 0.28
C CYS A 8 4.35 2.09 -0.94
N THR A 9 5.53 2.70 -0.72
CA THR A 9 6.55 2.88 -1.75
C THR A 9 7.06 1.50 -2.26
N GLU A 10 7.28 0.58 -1.30
CA GLU A 10 7.71 -0.80 -1.59
C GLU A 10 6.62 -1.55 -2.38
N MET A 11 5.37 -1.37 -1.92
CA MET A 11 4.21 -2.06 -2.50
C MET A 11 3.92 -1.55 -3.92
N LYS A 12 4.26 -0.28 -4.23
CA LYS A 12 4.09 0.29 -5.58
C LYS A 12 5.13 -0.29 -6.53
N LYS A 13 6.37 -0.40 -6.06
CA LYS A 13 7.49 -0.96 -6.84
C LYS A 13 7.29 -2.47 -7.10
N LYS A 14 6.73 -3.16 -6.10
CA LYS A 14 6.46 -4.60 -6.17
C LYS A 14 5.20 -4.80 -7.05
N PHE A 15 4.07 -4.29 -6.55
CA PHE A 15 2.77 -4.38 -7.21
C PHE A 15 2.60 -3.16 -8.12
N LYS A 16 3.36 -3.17 -9.23
CA LYS A 16 3.41 -2.08 -10.22
C LYS A 16 2.28 -2.21 -11.26
N ASN A 17 1.08 -2.44 -10.73
CA ASN A 17 -0.15 -2.72 -11.51
C ASN A 17 -1.36 -2.62 -10.57
N CYS A 18 -1.19 -3.10 -9.32
CA CYS A 18 -2.19 -3.00 -8.24
C CYS A 18 -2.21 -1.57 -7.66
N GLU A 19 -3.42 -1.06 -7.36
CA GLU A 19 -3.64 0.30 -6.83
C GLU A 19 -3.21 0.40 -5.36
N VAL A 20 -1.94 0.66 -5.15
CA VAL A 20 -1.35 0.80 -3.83
C VAL A 20 -1.57 2.27 -3.35
N ARG A 21 -2.28 2.46 -2.22
CA ARG A 21 -2.58 3.80 -1.66
C ARG A 21 -1.83 3.99 -0.32
N CYS A 22 -1.04 5.08 -0.25
CA CYS A 22 -0.26 5.46 0.95
C CYS A 22 -1.14 6.19 1.96
N ASP A 23 -0.99 5.90 3.27
CA ASP A 23 -1.71 6.67 4.33
C ASP A 23 -1.04 6.49 5.71
N GLU A 24 -0.64 7.63 6.30
CA GLU A 24 0.03 7.69 7.63
C GLU A 24 -1.00 7.79 8.78
N SER A 25 -2.17 8.39 8.49
CA SER A 25 -3.24 8.62 9.49
C SER A 25 -3.94 7.28 9.82
N ASN A 26 -4.18 6.50 8.76
CA ASN A 26 -4.75 5.16 8.82
C ASN A 26 -3.71 4.18 9.39
N HIS A 27 -2.41 4.48 9.09
CA HIS A 27 -1.24 3.63 9.44
C HIS A 27 -1.25 2.32 8.63
N CYS A 28 -1.99 2.32 7.49
CA CYS A 28 -2.16 1.14 6.65
C CYS A 28 -2.14 1.52 5.16
N VAL A 29 -1.55 0.63 4.36
CA VAL A 29 -1.51 0.72 2.90
C VAL A 29 -2.62 -0.16 2.30
N GLU A 30 -3.59 0.47 1.63
CA GLU A 30 -4.66 -0.26 0.95
C GLU A 30 -4.22 -0.53 -0.50
N VAL A 31 -3.98 -1.81 -0.82
CA VAL A 31 -3.59 -2.24 -2.17
C VAL A 31 -4.79 -2.91 -2.85
N ARG A 32 -5.38 -2.22 -3.83
CA ARG A 32 -6.49 -2.74 -4.63
C ARG A 32 -5.97 -3.30 -5.96
N CYS A 33 -5.66 -4.60 -6.00
CA CYS A 33 -5.34 -5.28 -7.25
C CYS A 33 -6.60 -5.30 -8.16
N SER A 34 -7.63 -6.09 -7.77
CA SER A 34 -8.95 -6.09 -8.45
C SER A 34 -9.93 -7.02 -7.70
N ASP A 35 -9.61 -8.31 -7.73
CA ASP A 35 -10.46 -9.38 -7.18
C ASP A 35 -10.27 -9.53 -5.65
N THR A 36 -9.02 -9.37 -5.20
CA THR A 36 -8.62 -9.63 -3.82
C THR A 36 -8.71 -8.36 -2.94
N LYS A 37 -7.86 -7.35 -3.26
CA LYS A 37 -7.71 -6.09 -2.48
C LYS A 37 -7.31 -6.38 -1.00
N TYR A 38 -6.02 -6.17 -0.67
CA TYR A 38 -5.44 -6.51 0.64
C TYR A 38 -4.83 -5.26 1.28
N THR A 39 -4.86 -5.21 2.63
CA THR A 39 -4.37 -4.06 3.41
C THR A 39 -3.18 -4.49 4.28
N LEU A 40 -2.01 -3.88 4.06
CA LEU A 40 -0.80 -4.13 4.84
C LEU A 40 -0.67 -3.08 5.95
N CYS A 41 -0.68 -3.54 7.21
CA CYS A 41 -0.62 -2.70 8.41
C CYS A 41 0.59 -3.12 9.28
N SER A 1 9.74 10.03 10.78
CA SER A 1 8.45 9.34 10.95
C SER A 1 8.00 8.73 9.61
N GLN A 2 8.42 7.48 9.37
CA GLN A 2 8.17 6.77 8.11
C GLN A 2 8.08 5.25 8.40
N GLU A 3 6.84 4.78 8.65
CA GLU A 3 6.55 3.36 8.92
C GLU A 3 5.85 2.76 7.67
N THR A 4 4.62 3.23 7.49
CA THR A 4 3.70 2.83 6.42
C THR A 4 4.00 3.58 5.11
N ARG A 5 4.63 4.76 5.22
CA ARG A 5 5.07 5.56 4.07
C ARG A 5 6.13 4.77 3.25
N LYS A 6 7.09 4.15 3.97
CA LYS A 6 8.15 3.32 3.33
C LYS A 6 7.52 2.07 2.70
N LYS A 7 6.45 1.55 3.35
CA LYS A 7 5.70 0.39 2.88
C LYS A 7 4.86 0.74 1.63
N CYS A 8 4.44 2.01 1.53
CA CYS A 8 3.78 2.56 0.32
C CYS A 8 4.71 2.45 -0.89
N THR A 9 5.98 2.89 -0.70
CA THR A 9 7.05 2.74 -1.69
C THR A 9 7.25 1.24 -2.05
N GLU A 10 7.42 0.44 -1.00
CA GLU A 10 7.69 -1.02 -1.05
C GLU A 10 6.60 -1.80 -1.84
N MET A 11 5.33 -1.40 -1.65
CA MET A 11 4.17 -2.02 -2.30
C MET A 11 4.05 -1.57 -3.77
N LYS A 12 4.42 -0.30 -4.08
CA LYS A 12 4.37 0.21 -5.48
C LYS A 12 5.45 -0.47 -6.33
N LYS A 13 6.63 -0.71 -5.73
CA LYS A 13 7.78 -1.34 -6.40
C LYS A 13 7.42 -2.73 -6.98
N LYS A 14 6.55 -3.45 -6.24
CA LYS A 14 6.06 -4.78 -6.61
C LYS A 14 4.75 -4.65 -7.40
N PHE A 15 3.73 -4.16 -6.70
CA PHE A 15 2.33 -4.12 -7.14
C PHE A 15 2.01 -2.78 -7.87
N LYS A 16 2.90 -2.38 -8.78
CA LYS A 16 2.67 -1.22 -9.70
C LYS A 16 1.54 -1.53 -10.72
N ASN A 17 1.23 -2.83 -10.86
CA ASN A 17 0.08 -3.33 -11.65
C ASN A 17 -1.23 -3.24 -10.82
N CYS A 18 -1.09 -3.09 -9.49
CA CYS A 18 -2.20 -2.88 -8.55
C CYS A 18 -2.32 -1.40 -8.16
N GLU A 19 -3.45 -1.03 -7.54
CA GLU A 19 -3.71 0.33 -7.06
C GLU A 19 -3.25 0.44 -5.59
N VAL A 20 -1.95 0.70 -5.40
CA VAL A 20 -1.32 0.82 -4.07
C VAL A 20 -1.61 2.22 -3.50
N ARG A 21 -2.48 2.28 -2.49
CA ARG A 21 -2.93 3.53 -1.86
C ARG A 21 -2.13 3.79 -0.56
N CYS A 22 -1.27 4.81 -0.60
CA CYS A 22 -0.42 5.22 0.51
C CYS A 22 -1.25 5.98 1.57
N ASP A 23 -0.88 5.80 2.84
CA ASP A 23 -1.60 6.37 4.00
C ASP A 23 -0.68 6.36 5.23
N GLU A 24 -0.93 7.27 6.19
CA GLU A 24 -0.30 7.25 7.52
C GLU A 24 -1.29 7.74 8.60
N SER A 25 -2.56 7.95 8.21
CA SER A 25 -3.63 8.38 9.13
C SER A 25 -4.08 7.20 10.01
N ASN A 26 -4.48 6.10 9.33
CA ASN A 26 -4.75 4.80 9.98
C ASN A 26 -3.45 3.99 10.11
N HIS A 27 -2.42 4.41 9.31
CA HIS A 27 -1.10 3.76 9.23
C HIS A 27 -1.20 2.42 8.47
N CYS A 28 -1.97 2.43 7.36
CA CYS A 28 -2.28 1.21 6.58
C CYS A 28 -2.34 1.50 5.07
N VAL A 29 -1.57 0.71 4.30
CA VAL A 29 -1.53 0.79 2.83
C VAL A 29 -2.58 -0.20 2.24
N GLU A 30 -3.62 0.36 1.59
CA GLU A 30 -4.64 -0.43 0.89
C GLU A 30 -4.20 -0.68 -0.56
N VAL A 31 -3.89 -1.93 -0.89
CA VAL A 31 -3.51 -2.32 -2.25
C VAL A 31 -4.71 -2.97 -2.93
N ARG A 32 -5.32 -2.24 -3.87
CA ARG A 32 -6.52 -2.65 -4.59
C ARG A 32 -6.13 -3.08 -6.03
N CYS A 33 -5.75 -4.36 -6.19
CA CYS A 33 -5.42 -4.91 -7.51
C CYS A 33 -6.67 -4.92 -8.41
N SER A 34 -7.73 -5.61 -7.91
CA SER A 34 -9.10 -5.61 -8.48
C SER A 34 -9.94 -6.64 -7.69
N ASP A 35 -9.55 -7.90 -7.85
CA ASP A 35 -10.23 -9.08 -7.27
C ASP A 35 -9.82 -9.27 -5.80
N THR A 36 -8.51 -9.08 -5.53
CA THR A 36 -7.91 -9.37 -4.22
C THR A 36 -8.21 -8.25 -3.21
N LYS A 37 -7.56 -7.07 -3.39
CA LYS A 37 -7.75 -5.88 -2.52
C LYS A 37 -7.38 -6.22 -1.05
N TYR A 38 -6.11 -6.04 -0.69
CA TYR A 38 -5.55 -6.42 0.63
C TYR A 38 -4.87 -5.22 1.31
N THR A 39 -4.94 -5.16 2.65
CA THR A 39 -4.42 -4.03 3.45
C THR A 39 -3.24 -4.49 4.33
N LEU A 40 -2.07 -3.91 4.11
CA LEU A 40 -0.87 -4.14 4.91
C LEU A 40 -0.70 -2.99 5.92
N CYS A 41 -0.52 -3.34 7.19
CA CYS A 41 -0.32 -2.36 8.27
C CYS A 41 1.00 -2.73 9.01
N SER A 1 8.07 2.61 12.98
CA SER A 1 8.62 3.97 12.78
C SER A 1 8.61 4.32 11.28
N GLN A 2 7.64 5.20 10.87
CA GLN A 2 7.48 5.72 9.47
C GLN A 2 7.20 4.57 8.46
N GLU A 3 6.81 3.40 8.99
CA GLU A 3 6.71 2.16 8.21
C GLU A 3 5.55 2.21 7.22
N THR A 4 4.44 2.87 7.62
CA THR A 4 3.22 2.97 6.80
C THR A 4 3.47 3.77 5.49
N ARG A 5 4.44 4.71 5.52
CA ARG A 5 4.81 5.49 4.31
C ARG A 5 5.71 4.66 3.37
N LYS A 6 6.79 4.07 3.95
CA LYS A 6 7.84 3.36 3.17
C LYS A 6 7.26 2.05 2.58
N LYS A 7 6.28 1.47 3.28
CA LYS A 7 5.62 0.21 2.90
C LYS A 7 4.85 0.39 1.59
N CYS A 8 4.20 1.56 1.44
CA CYS A 8 3.47 1.93 0.22
C CYS A 8 4.42 1.97 -0.98
N THR A 9 5.60 2.62 -0.77
CA THR A 9 6.66 2.73 -1.79
C THR A 9 7.12 1.33 -2.25
N GLU A 10 7.38 0.45 -1.27
CA GLU A 10 7.83 -0.94 -1.46
C GLU A 10 6.80 -1.74 -2.27
N MET A 11 5.52 -1.59 -1.90
CA MET A 11 4.40 -2.31 -2.54
C MET A 11 4.16 -1.81 -3.98
N LYS A 12 4.55 -0.55 -4.30
CA LYS A 12 4.44 -0.01 -5.69
C LYS A 12 5.42 -0.71 -6.64
N LYS A 13 6.62 -1.03 -6.12
CA LYS A 13 7.68 -1.74 -6.88
C LYS A 13 7.24 -3.17 -7.21
N LYS A 14 6.47 -3.74 -6.28
CA LYS A 14 5.90 -5.07 -6.39
C LYS A 14 4.69 -5.08 -7.34
N PHE A 15 3.78 -4.13 -7.05
CA PHE A 15 2.40 -4.13 -7.55
C PHE A 15 2.20 -2.87 -8.39
N LYS A 16 3.08 -2.73 -9.39
CA LYS A 16 3.07 -1.61 -10.37
C LYS A 16 1.71 -1.48 -11.09
N ASN A 17 1.09 -2.63 -11.39
CA ASN A 17 -0.19 -2.68 -12.14
C ASN A 17 -1.40 -2.56 -11.20
N CYS A 18 -1.15 -2.59 -9.88
CA CYS A 18 -2.21 -2.48 -8.85
C CYS A 18 -2.16 -1.10 -8.16
N GLU A 19 -3.30 -0.70 -7.59
CA GLU A 19 -3.50 0.61 -6.97
C GLU A 19 -3.02 0.56 -5.51
N VAL A 20 -1.73 0.82 -5.32
CA VAL A 20 -1.12 0.82 -3.97
C VAL A 20 -1.39 2.21 -3.33
N ARG A 21 -2.31 2.22 -2.36
CA ARG A 21 -2.84 3.44 -1.74
C ARG A 21 -2.05 3.77 -0.47
N CYS A 22 -1.19 4.80 -0.54
CA CYS A 22 -0.42 5.30 0.61
C CYS A 22 -1.34 5.92 1.66
N ASP A 23 -0.97 5.73 2.94
CA ASP A 23 -1.73 6.26 4.08
C ASP A 23 -0.79 6.44 5.28
N GLU A 24 -1.20 7.34 6.18
CA GLU A 24 -0.53 7.61 7.45
C GLU A 24 -1.55 8.16 8.47
N SER A 25 -2.82 8.31 8.05
CA SER A 25 -3.90 8.75 8.94
C SER A 25 -4.35 7.56 9.82
N ASN A 26 -4.72 6.48 9.13
CA ASN A 26 -5.14 5.20 9.72
C ASN A 26 -3.90 4.32 10.02
N HIS A 27 -2.73 4.72 9.44
CA HIS A 27 -1.42 4.04 9.58
C HIS A 27 -1.46 2.63 8.98
N CYS A 28 -2.09 2.51 7.78
CA CYS A 28 -2.22 1.23 7.09
C CYS A 28 -2.39 1.45 5.57
N VAL A 29 -1.55 0.77 4.77
CA VAL A 29 -1.55 0.86 3.31
C VAL A 29 -2.50 -0.19 2.73
N GLU A 30 -3.55 0.27 2.03
CA GLU A 30 -4.42 -0.61 1.26
C GLU A 30 -3.83 -0.74 -0.14
N VAL A 31 -3.50 -1.96 -0.56
CA VAL A 31 -3.18 -2.22 -1.97
C VAL A 31 -4.43 -2.80 -2.60
N ARG A 32 -5.09 -1.97 -3.40
CA ARG A 32 -6.20 -2.36 -4.25
C ARG A 32 -5.62 -2.85 -5.57
N CYS A 33 -6.38 -3.65 -6.33
CA CYS A 33 -5.97 -4.04 -7.70
C CYS A 33 -7.23 -4.25 -8.56
N SER A 34 -7.80 -5.46 -8.52
CA SER A 34 -9.02 -5.79 -9.30
C SER A 34 -9.85 -6.85 -8.55
N ASP A 35 -9.20 -7.96 -8.19
CA ASP A 35 -9.87 -9.11 -7.54
C ASP A 35 -9.18 -9.51 -6.21
N THR A 36 -8.05 -8.88 -5.88
CA THR A 36 -7.29 -9.19 -4.65
C THR A 36 -7.68 -8.22 -3.49
N LYS A 37 -7.10 -6.99 -3.51
CA LYS A 37 -7.18 -6.01 -2.41
C LYS A 37 -6.75 -6.60 -1.03
N TYR A 38 -5.57 -6.19 -0.56
CA TYR A 38 -4.96 -6.61 0.71
C TYR A 38 -4.38 -5.39 1.41
N THR A 39 -4.58 -5.28 2.72
CA THR A 39 -4.26 -4.07 3.47
C THR A 39 -3.13 -4.37 4.48
N LEU A 40 -1.93 -3.85 4.16
CA LEU A 40 -0.68 -4.06 4.91
C LEU A 40 -0.45 -2.83 5.80
N CYS A 41 -0.70 -3.00 7.11
CA CYS A 41 -0.55 -1.94 8.10
C CYS A 41 0.93 -1.82 8.57
N SER A 1 6.79 9.18 11.57
CA SER A 1 8.06 8.53 11.19
C SER A 1 7.91 7.77 9.87
N GLN A 2 9.04 7.54 9.19
CA GLN A 2 9.10 6.81 7.91
C GLN A 2 8.90 5.31 8.16
N GLU A 3 7.64 4.84 8.04
CA GLU A 3 7.29 3.42 8.24
C GLU A 3 6.24 2.98 7.19
N THR A 4 5.02 3.53 7.31
CA THR A 4 3.87 3.15 6.45
C THR A 4 4.04 3.67 5.01
N ARG A 5 4.73 4.81 4.86
CA ARG A 5 5.03 5.42 3.55
C ARG A 5 6.07 4.56 2.81
N LYS A 6 7.08 4.09 3.59
CA LYS A 6 8.09 3.12 3.12
C LYS A 6 7.41 1.84 2.63
N LYS A 7 6.42 1.35 3.42
CA LYS A 7 5.67 0.14 3.11
C LYS A 7 4.87 0.34 1.81
N CYS A 8 4.31 1.56 1.63
CA CYS A 8 3.55 1.92 0.44
C CYS A 8 4.47 2.00 -0.79
N THR A 9 5.73 2.46 -0.57
CA THR A 9 6.74 2.53 -1.63
C THR A 9 7.07 1.11 -2.11
N GLU A 10 7.29 0.22 -1.10
CA GLU A 10 7.59 -1.20 -1.30
C GLU A 10 6.46 -1.88 -2.09
N MET A 11 5.21 -1.50 -1.79
CA MET A 11 4.02 -2.03 -2.46
C MET A 11 3.87 -1.43 -3.87
N LYS A 12 4.29 -0.17 -4.10
CA LYS A 12 4.18 0.46 -5.44
C LYS A 12 5.17 -0.18 -6.43
N LYS A 13 6.43 -0.33 -5.99
CA LYS A 13 7.53 -0.87 -6.82
C LYS A 13 7.31 -2.36 -7.13
N LYS A 14 6.76 -3.11 -6.15
CA LYS A 14 6.45 -4.54 -6.31
C LYS A 14 5.14 -4.68 -7.10
N PHE A 15 4.06 -4.16 -6.49
CA PHE A 15 2.69 -4.21 -7.05
C PHE A 15 2.41 -2.97 -7.92
N LYS A 16 3.19 -2.85 -9.01
CA LYS A 16 3.01 -1.79 -10.02
C LYS A 16 1.71 -2.01 -10.83
N ASN A 17 1.22 -3.27 -10.82
CA ASN A 17 -0.04 -3.66 -11.49
C ASN A 17 -1.22 -3.65 -10.48
N CYS A 18 -1.04 -2.96 -9.35
CA CYS A 18 -2.08 -2.78 -8.31
C CYS A 18 -2.12 -1.30 -7.86
N GLU A 19 -3.33 -0.84 -7.47
CA GLU A 19 -3.58 0.54 -7.05
C GLU A 19 -3.22 0.70 -5.57
N VAL A 20 -1.94 0.98 -5.34
CA VAL A 20 -1.35 1.02 -3.99
C VAL A 20 -1.63 2.41 -3.37
N ARG A 21 -2.46 2.43 -2.32
CA ARG A 21 -2.90 3.67 -1.65
C ARG A 21 -2.10 3.88 -0.37
N CYS A 22 -1.20 4.89 -0.37
CA CYS A 22 -0.44 5.30 0.81
C CYS A 22 -1.37 5.96 1.84
N ASP A 23 -1.13 5.70 3.13
CA ASP A 23 -1.98 6.18 4.23
C ASP A 23 -1.15 6.42 5.49
N GLU A 24 -1.36 7.60 6.08
CA GLU A 24 -0.68 8.06 7.30
C GLU A 24 -1.69 8.29 8.43
N SER A 25 -3.00 8.30 8.08
CA SER A 25 -4.10 8.53 9.06
C SER A 25 -4.24 7.32 10.00
N ASN A 26 -4.47 6.15 9.40
CA ASN A 26 -4.60 4.86 10.13
C ASN A 26 -3.25 4.10 10.10
N HIS A 27 -2.31 4.58 9.26
CA HIS A 27 -0.95 4.01 9.07
C HIS A 27 -1.05 2.60 8.47
N CYS A 28 -1.91 2.43 7.43
CA CYS A 28 -2.20 1.13 6.82
C CYS A 28 -2.44 1.28 5.31
N VAL A 29 -1.64 0.55 4.52
CA VAL A 29 -1.59 0.69 3.05
C VAL A 29 -2.59 -0.27 2.39
N GLU A 30 -3.63 0.31 1.77
CA GLU A 30 -4.62 -0.46 1.01
C GLU A 30 -4.15 -0.60 -0.44
N VAL A 31 -3.81 -1.81 -0.85
CA VAL A 31 -3.41 -2.12 -2.22
C VAL A 31 -4.62 -2.75 -2.95
N ARG A 32 -5.22 -1.97 -3.86
CA ARG A 32 -6.43 -2.34 -4.58
C ARG A 32 -6.08 -2.78 -6.02
N CYS A 33 -5.80 -4.08 -6.20
CA CYS A 33 -5.43 -4.63 -7.52
C CYS A 33 -6.60 -4.53 -8.51
N SER A 34 -7.65 -5.35 -8.27
CA SER A 34 -8.91 -5.36 -9.06
C SER A 34 -9.78 -6.52 -8.55
N ASP A 35 -9.12 -7.66 -8.33
CA ASP A 35 -9.74 -8.92 -7.86
C ASP A 35 -9.47 -9.12 -6.35
N THR A 36 -8.21 -8.83 -5.93
CA THR A 36 -7.72 -9.20 -4.58
C THR A 36 -8.09 -8.13 -3.55
N LYS A 37 -7.44 -6.94 -3.64
CA LYS A 37 -7.64 -5.81 -2.71
C LYS A 37 -7.28 -6.23 -1.26
N TYR A 38 -6.04 -5.96 -0.87
CA TYR A 38 -5.45 -6.37 0.43
C TYR A 38 -4.81 -5.16 1.10
N THR A 39 -4.87 -5.10 2.43
CA THR A 39 -4.35 -3.97 3.20
C THR A 39 -3.20 -4.43 4.11
N LEU A 40 -1.96 -4.06 3.74
CA LEU A 40 -0.78 -4.24 4.58
C LEU A 40 -0.81 -3.16 5.67
N CYS A 41 -1.41 -3.52 6.81
CA CYS A 41 -1.74 -2.60 7.89
C CYS A 41 -0.67 -2.68 9.01
N SER A 1 8.30 9.02 11.99
CA SER A 1 9.29 8.30 11.15
C SER A 1 8.62 7.77 9.86
N GLN A 2 9.44 7.18 8.96
CA GLN A 2 8.96 6.59 7.69
C GLN A 2 8.66 5.09 7.91
N GLU A 3 7.49 4.84 8.53
CA GLU A 3 7.02 3.49 8.90
C GLU A 3 6.17 2.87 7.77
N THR A 4 4.92 3.34 7.66
CA THR A 4 3.93 2.85 6.69
C THR A 4 4.15 3.48 5.28
N ARG A 5 4.78 4.68 5.26
CA ARG A 5 5.12 5.39 4.02
C ARG A 5 6.26 4.69 3.24
N LYS A 6 7.21 4.04 3.95
CA LYS A 6 8.28 3.24 3.29
C LYS A 6 7.66 1.95 2.71
N LYS A 7 6.59 1.47 3.40
CA LYS A 7 5.81 0.29 2.98
C LYS A 7 4.94 0.61 1.76
N CYS A 8 4.51 1.89 1.65
CA CYS A 8 3.83 2.41 0.44
C CYS A 8 4.74 2.30 -0.78
N THR A 9 6.01 2.74 -0.60
CA THR A 9 7.06 2.65 -1.62
C THR A 9 7.30 1.18 -2.01
N GLU A 10 7.35 0.33 -0.98
CA GLU A 10 7.59 -1.12 -1.07
C GLU A 10 6.47 -1.83 -1.87
N MET A 11 5.22 -1.42 -1.61
CA MET A 11 4.04 -2.02 -2.25
C MET A 11 3.89 -1.53 -3.71
N LYS A 12 4.27 -0.27 -4.00
CA LYS A 12 4.14 0.30 -5.36
C LYS A 12 5.16 -0.30 -6.34
N LYS A 13 6.41 -0.51 -5.87
CA LYS A 13 7.49 -1.05 -6.71
C LYS A 13 7.22 -2.52 -7.08
N LYS A 14 6.59 -3.27 -6.15
CA LYS A 14 6.30 -4.71 -6.34
C LYS A 14 4.97 -4.87 -7.09
N PHE A 15 3.98 -4.04 -6.72
CA PHE A 15 2.60 -4.12 -7.23
C PHE A 15 2.27 -2.87 -8.06
N LYS A 16 3.08 -2.67 -9.12
CA LYS A 16 2.90 -1.55 -10.08
C LYS A 16 1.60 -1.74 -10.92
N ASN A 17 1.11 -2.99 -10.98
CA ASN A 17 -0.14 -3.35 -11.69
C ASN A 17 -1.33 -3.36 -10.72
N CYS A 18 -1.19 -2.68 -9.57
CA CYS A 18 -2.20 -2.68 -8.49
C CYS A 18 -2.33 -1.28 -7.87
N GLU A 19 -3.58 -0.88 -7.51
CA GLU A 19 -3.86 0.46 -6.94
C GLU A 19 -3.42 0.50 -5.48
N VAL A 20 -2.14 0.77 -5.28
CA VAL A 20 -1.53 0.85 -3.96
C VAL A 20 -1.80 2.26 -3.38
N ARG A 21 -2.56 2.31 -2.29
CA ARG A 21 -2.99 3.54 -1.63
C ARG A 21 -2.12 3.77 -0.38
N CYS A 22 -1.18 4.70 -0.48
CA CYS A 22 -0.31 5.10 0.63
C CYS A 22 -1.14 5.86 1.69
N ASP A 23 -0.86 5.60 2.97
CA ASP A 23 -1.59 6.23 4.10
C ASP A 23 -0.70 6.29 5.34
N GLU A 24 -1.00 7.25 6.21
CA GLU A 24 -0.35 7.43 7.53
C GLU A 24 -1.38 7.93 8.57
N SER A 25 -2.64 8.08 8.13
CA SER A 25 -3.74 8.57 8.98
C SER A 25 -4.10 7.46 10.00
N ASN A 26 -4.50 6.31 9.47
CA ASN A 26 -4.74 5.08 10.25
C ASN A 26 -3.54 4.10 10.10
N HIS A 27 -2.55 4.53 9.28
CA HIS A 27 -1.28 3.80 9.05
C HIS A 27 -1.53 2.46 8.34
N CYS A 28 -2.27 2.49 7.21
CA CYS A 28 -2.59 1.27 6.44
C CYS A 28 -2.57 1.52 4.92
N VAL A 29 -1.71 0.77 4.22
CA VAL A 29 -1.56 0.84 2.77
C VAL A 29 -2.52 -0.18 2.11
N GLU A 30 -3.57 0.32 1.42
CA GLU A 30 -4.56 -0.53 0.75
C GLU A 30 -4.15 -0.78 -0.71
N VAL A 31 -3.80 -2.01 -1.02
CA VAL A 31 -3.47 -2.41 -2.39
C VAL A 31 -4.71 -3.08 -3.00
N ARG A 32 -5.35 -2.35 -3.91
CA ARG A 32 -6.56 -2.78 -4.62
C ARG A 32 -6.18 -3.09 -6.07
N CYS A 33 -5.83 -4.35 -6.34
CA CYS A 33 -5.34 -4.75 -7.67
C CYS A 33 -6.53 -5.09 -8.60
N SER A 34 -7.22 -6.22 -8.32
CA SER A 34 -8.45 -6.63 -9.04
C SER A 34 -9.07 -7.85 -8.33
N ASP A 35 -8.30 -8.94 -8.29
CA ASP A 35 -8.74 -10.25 -7.79
C ASP A 35 -8.20 -10.50 -6.36
N THR A 36 -7.38 -9.55 -5.84
CA THR A 36 -6.68 -9.72 -4.56
C THR A 36 -7.30 -8.81 -3.47
N LYS A 37 -6.98 -7.50 -3.52
CA LYS A 37 -7.41 -6.47 -2.54
C LYS A 37 -7.01 -6.85 -1.09
N TYR A 38 -5.86 -6.35 -0.66
CA TYR A 38 -5.30 -6.57 0.70
C TYR A 38 -4.77 -5.24 1.25
N THR A 39 -4.69 -5.14 2.58
CA THR A 39 -4.28 -3.90 3.25
C THR A 39 -3.15 -4.20 4.27
N LEU A 40 -1.92 -3.80 3.90
CA LEU A 40 -0.73 -3.93 4.76
C LEU A 40 -0.60 -2.67 5.62
N CYS A 41 -1.07 -2.78 6.85
CA CYS A 41 -0.99 -1.71 7.84
C CYS A 41 0.47 -1.56 8.35
N SER A 1 5.51 9.45 10.51
CA SER A 1 6.60 8.47 10.74
C SER A 1 6.79 7.61 9.49
N GLN A 2 8.04 7.52 8.98
CA GLN A 2 8.36 6.66 7.84
C GLN A 2 8.22 5.18 8.24
N GLU A 3 7.09 4.60 7.84
CA GLU A 3 6.65 3.25 8.23
C GLU A 3 5.61 2.81 7.20
N THR A 4 4.49 3.52 7.23
CA THR A 4 3.34 3.31 6.34
C THR A 4 3.65 3.80 4.91
N ARG A 5 4.26 5.00 4.82
CA ARG A 5 4.68 5.56 3.53
C ARG A 5 5.79 4.70 2.89
N LYS A 6 6.72 4.20 3.74
CA LYS A 6 7.79 3.26 3.34
C LYS A 6 7.20 1.96 2.78
N LYS A 7 6.24 1.41 3.54
CA LYS A 7 5.56 0.15 3.22
C LYS A 7 4.73 0.28 1.93
N CYS A 8 4.21 1.50 1.71
CA CYS A 8 3.48 1.86 0.49
C CYS A 8 4.41 1.88 -0.71
N THR A 9 5.65 2.39 -0.50
CA THR A 9 6.69 2.45 -1.54
C THR A 9 7.16 1.03 -1.91
N GLU A 10 7.17 0.13 -0.90
CA GLU A 10 7.49 -1.29 -1.08
C GLU A 10 6.42 -1.99 -1.93
N MET A 11 5.15 -1.68 -1.64
CA MET A 11 4.01 -2.24 -2.37
C MET A 11 3.89 -1.61 -3.78
N LYS A 12 4.33 -0.35 -3.95
CA LYS A 12 4.30 0.33 -5.27
C LYS A 12 5.35 -0.27 -6.21
N LYS A 13 6.58 -0.49 -5.68
CA LYS A 13 7.72 -0.96 -6.51
C LYS A 13 7.53 -2.42 -6.95
N LYS A 14 6.68 -3.18 -6.22
CA LYS A 14 6.33 -4.55 -6.58
C LYS A 14 5.02 -4.56 -7.39
N PHE A 15 3.93 -4.09 -6.78
CA PHE A 15 2.57 -4.14 -7.36
C PHE A 15 2.26 -2.85 -8.12
N LYS A 16 3.14 -2.49 -9.07
CA LYS A 16 2.96 -1.30 -9.93
C LYS A 16 1.91 -1.54 -11.04
N ASN A 17 1.28 -2.73 -11.01
CA ASN A 17 0.13 -3.06 -11.89
C ASN A 17 -1.16 -3.14 -11.04
N CYS A 18 -1.12 -2.52 -9.84
CA CYS A 18 -2.21 -2.58 -8.86
C CYS A 18 -2.38 -1.21 -8.16
N GLU A 19 -3.60 -0.92 -7.64
CA GLU A 19 -3.91 0.35 -6.97
C GLU A 19 -3.38 0.36 -5.53
N VAL A 20 -2.08 0.62 -5.38
CA VAL A 20 -1.42 0.76 -4.08
C VAL A 20 -1.61 2.20 -3.58
N ARG A 21 -2.20 2.40 -2.38
CA ARG A 21 -2.35 3.75 -1.81
C ARG A 21 -1.75 3.81 -0.40
N CYS A 22 -0.94 4.85 -0.16
CA CYS A 22 -0.31 5.13 1.15
C CYS A 22 -1.35 5.76 2.07
N ASP A 23 -1.36 5.37 3.36
CA ASP A 23 -2.35 5.85 4.35
C ASP A 23 -1.63 6.15 5.67
N GLU A 24 -1.03 7.34 5.76
CA GLU A 24 -0.27 7.77 6.95
C GLU A 24 -1.18 7.94 8.17
N SER A 25 -2.41 8.39 7.91
CA SER A 25 -3.43 8.60 8.95
C SER A 25 -3.86 7.28 9.60
N ASN A 26 -4.06 6.27 8.74
CA ASN A 26 -4.48 4.91 9.15
C ASN A 26 -3.26 4.11 9.64
N HIS A 27 -2.05 4.53 9.21
CA HIS A 27 -0.78 3.80 9.42
C HIS A 27 -0.83 2.43 8.71
N CYS A 28 -1.49 2.44 7.54
CA CYS A 28 -1.72 1.25 6.71
C CYS A 28 -1.44 1.56 5.24
N VAL A 29 -1.51 0.52 4.40
CA VAL A 29 -1.37 0.61 2.93
C VAL A 29 -2.45 -0.26 2.31
N GLU A 30 -3.44 0.33 1.62
CA GLU A 30 -4.51 -0.47 0.99
C GLU A 30 -4.28 -0.57 -0.52
N VAL A 31 -4.05 -1.81 -0.95
CA VAL A 31 -3.74 -2.17 -2.33
C VAL A 31 -4.93 -2.93 -2.94
N ARG A 32 -5.55 -2.33 -3.95
CA ARG A 32 -6.50 -3.05 -4.84
C ARG A 32 -5.74 -3.49 -6.10
N CYS A 33 -6.35 -4.35 -6.92
CA CYS A 33 -5.77 -4.73 -8.24
C CYS A 33 -6.87 -5.27 -9.17
N SER A 34 -7.37 -6.48 -8.86
CA SER A 34 -8.43 -7.16 -9.63
C SER A 34 -9.14 -8.20 -8.73
N ASP A 35 -8.35 -9.19 -8.27
CA ASP A 35 -8.84 -10.34 -7.48
C ASP A 35 -8.11 -10.43 -6.13
N THR A 36 -7.48 -9.32 -5.69
CA THR A 36 -6.66 -9.30 -4.47
C THR A 36 -7.35 -8.49 -3.34
N LYS A 37 -7.15 -7.15 -3.33
CA LYS A 37 -7.70 -6.23 -2.31
C LYS A 37 -7.21 -6.63 -0.89
N TYR A 38 -6.07 -6.05 -0.48
CA TYR A 38 -5.44 -6.31 0.84
C TYR A 38 -4.92 -5.00 1.46
N THR A 39 -4.78 -4.99 2.80
CA THR A 39 -4.30 -3.82 3.54
C THR A 39 -3.12 -4.22 4.48
N LEU A 40 -1.90 -3.71 4.17
CA LEU A 40 -0.70 -3.95 4.99
C LEU A 40 -0.62 -2.87 6.10
N CYS A 41 -0.76 -3.29 7.37
CA CYS A 41 -0.71 -2.38 8.53
C CYS A 41 0.46 -2.81 9.46
N SER A 1 9.45 8.75 10.87
CA SER A 1 10.22 7.49 10.91
C SER A 1 10.12 6.69 9.61
N GLN A 2 9.23 7.15 8.68
CA GLN A 2 8.97 6.48 7.39
C GLN A 2 8.52 5.02 7.63
N GLU A 3 7.36 4.89 8.28
CA GLU A 3 6.82 3.60 8.73
C GLU A 3 5.99 2.94 7.59
N THR A 4 4.66 3.17 7.61
CA THR A 4 3.72 2.69 6.60
C THR A 4 3.99 3.30 5.20
N ARG A 5 4.59 4.51 5.20
CA ARG A 5 4.99 5.21 3.97
C ARG A 5 6.07 4.41 3.21
N LYS A 6 7.06 3.86 3.97
CA LYS A 6 8.11 2.96 3.42
C LYS A 6 7.47 1.76 2.71
N LYS A 7 6.44 1.21 3.38
CA LYS A 7 5.74 0.01 2.93
C LYS A 7 5.03 0.26 1.62
N CYS A 8 4.31 1.40 1.51
CA CYS A 8 3.60 1.79 0.30
C CYS A 8 4.58 2.06 -0.86
N THR A 9 5.71 2.75 -0.54
CA THR A 9 6.81 3.01 -1.50
C THR A 9 7.33 1.70 -2.11
N GLU A 10 7.54 0.72 -1.22
CA GLU A 10 8.09 -0.61 -1.53
C GLU A 10 7.09 -1.45 -2.35
N MET A 11 5.80 -1.34 -1.98
CA MET A 11 4.72 -2.13 -2.61
C MET A 11 4.26 -1.55 -3.96
N LYS A 12 4.49 -0.24 -4.19
CA LYS A 12 4.29 0.38 -5.52
C LYS A 12 5.36 -0.13 -6.52
N LYS A 13 6.56 -0.47 -5.98
CA LYS A 13 7.65 -1.07 -6.76
C LYS A 13 7.30 -2.52 -7.19
N LYS A 14 6.70 -3.28 -6.27
CA LYS A 14 6.25 -4.68 -6.52
C LYS A 14 4.98 -4.68 -7.38
N PHE A 15 3.89 -4.18 -6.78
CA PHE A 15 2.53 -4.23 -7.33
C PHE A 15 2.24 -2.96 -8.16
N LYS A 16 3.01 -2.80 -9.25
CA LYS A 16 2.89 -1.65 -10.17
C LYS A 16 1.50 -1.63 -10.86
N ASN A 17 0.97 -2.83 -11.17
CA ASN A 17 -0.33 -3.00 -11.85
C ASN A 17 -1.51 -3.02 -10.85
N CYS A 18 -1.22 -2.65 -9.59
CA CYS A 18 -2.22 -2.54 -8.51
C CYS A 18 -2.29 -1.11 -7.98
N GLU A 19 -3.44 -0.80 -7.34
CA GLU A 19 -3.66 0.49 -6.68
C GLU A 19 -3.14 0.40 -5.24
N VAL A 20 -1.81 0.60 -5.08
CA VAL A 20 -1.18 0.58 -3.76
C VAL A 20 -1.35 1.98 -3.14
N ARG A 21 -2.25 2.08 -2.15
CA ARG A 21 -2.69 3.36 -1.57
C ARG A 21 -1.90 3.66 -0.29
N CYS A 22 -1.06 4.70 -0.36
CA CYS A 22 -0.28 5.18 0.78
C CYS A 22 -1.20 5.94 1.75
N ASP A 23 -1.04 5.68 3.06
CA ASP A 23 -1.82 6.34 4.11
C ASP A 23 -1.06 6.30 5.44
N GLU A 24 -1.11 7.43 6.15
CA GLU A 24 -0.44 7.63 7.44
C GLU A 24 -1.41 8.31 8.44
N SER A 25 -2.71 8.31 8.10
CA SER A 25 -3.76 8.81 8.99
C SER A 25 -4.26 7.66 9.86
N ASN A 26 -4.71 6.59 9.20
CA ASN A 26 -4.98 5.28 9.83
C ASN A 26 -3.66 4.49 9.98
N HIS A 27 -2.64 4.89 9.16
CA HIS A 27 -1.28 4.34 9.16
C HIS A 27 -1.23 2.94 8.52
N CYS A 28 -2.11 2.71 7.51
CA CYS A 28 -2.22 1.41 6.82
C CYS A 28 -2.28 1.59 5.28
N VAL A 29 -1.62 0.67 4.54
CA VAL A 29 -1.55 0.68 3.07
C VAL A 29 -2.59 -0.28 2.46
N GLU A 30 -3.58 0.26 1.72
CA GLU A 30 -4.58 -0.56 1.02
C GLU A 30 -4.12 -0.82 -0.42
N VAL A 31 -3.81 -2.08 -0.75
CA VAL A 31 -3.47 -2.44 -2.13
C VAL A 31 -4.69 -3.08 -2.79
N ARG A 32 -5.30 -2.34 -3.73
CA ARG A 32 -6.42 -2.81 -4.52
C ARG A 32 -5.89 -3.45 -5.81
N CYS A 33 -5.68 -4.77 -5.78
CA CYS A 33 -5.30 -5.56 -6.99
C CYS A 33 -6.54 -6.16 -7.67
N SER A 34 -7.66 -5.43 -7.55
CA SER A 34 -8.97 -5.77 -8.12
C SER A 34 -9.57 -7.05 -7.48
N ASP A 35 -9.10 -8.22 -7.95
CA ASP A 35 -9.72 -9.53 -7.61
C ASP A 35 -9.22 -10.09 -6.26
N THR A 36 -8.38 -9.31 -5.53
CA THR A 36 -7.94 -9.65 -4.16
C THR A 36 -8.30 -8.51 -3.19
N LYS A 37 -7.61 -7.34 -3.36
CA LYS A 37 -7.74 -6.16 -2.46
C LYS A 37 -7.33 -6.54 -1.01
N TYR A 38 -6.06 -6.30 -0.69
CA TYR A 38 -5.45 -6.66 0.61
C TYR A 38 -4.82 -5.42 1.25
N THR A 39 -5.04 -5.24 2.56
CA THR A 39 -4.62 -4.05 3.29
C THR A 39 -3.46 -4.39 4.24
N LEU A 40 -2.26 -3.92 3.87
CA LEU A 40 -1.09 -3.94 4.75
C LEU A 40 -1.17 -2.72 5.69
N CYS A 41 -0.19 -2.58 6.59
CA CYS A 41 -0.20 -1.49 7.55
C CYS A 41 1.23 -1.27 8.10
N SER A 1 7.60 7.78 11.40
CA SER A 1 6.70 8.46 10.43
C SER A 1 6.74 7.75 9.06
N GLN A 2 7.93 7.24 8.71
CA GLN A 2 8.24 6.72 7.36
C GLN A 2 7.95 5.19 7.24
N GLU A 3 7.48 4.53 8.34
CA GLU A 3 7.25 3.07 8.36
C GLU A 3 6.12 2.67 7.37
N THR A 4 4.98 3.36 7.50
CA THR A 4 3.79 3.14 6.65
C THR A 4 4.08 3.59 5.21
N ARG A 5 4.81 4.72 5.10
CA ARG A 5 5.13 5.35 3.82
C ARG A 5 6.10 4.50 2.99
N LYS A 6 7.09 3.86 3.65
CA LYS A 6 8.13 3.02 2.98
C LYS A 6 7.48 1.69 2.56
N LYS A 7 6.48 1.24 3.36
CA LYS A 7 5.71 0.03 3.08
C LYS A 7 4.90 0.24 1.79
N CYS A 8 4.30 1.44 1.66
CA CYS A 8 3.56 1.86 0.46
C CYS A 8 4.51 1.97 -0.74
N THR A 9 5.74 2.51 -0.50
CA THR A 9 6.79 2.63 -1.54
C THR A 9 7.13 1.24 -2.11
N GLU A 10 7.37 0.30 -1.19
CA GLU A 10 7.74 -1.09 -1.49
C GLU A 10 6.64 -1.80 -2.28
N MET A 11 5.39 -1.62 -1.84
CA MET A 11 4.22 -2.26 -2.45
C MET A 11 3.92 -1.64 -3.85
N LYS A 12 4.24 -0.33 -4.07
CA LYS A 12 4.03 0.32 -5.41
C LYS A 12 5.02 -0.25 -6.44
N LYS A 13 6.31 -0.21 -6.08
CA LYS A 13 7.43 -0.63 -6.95
C LYS A 13 7.42 -2.16 -7.20
N LYS A 14 6.75 -2.91 -6.30
CA LYS A 14 6.50 -4.35 -6.44
C LYS A 14 5.21 -4.52 -7.28
N PHE A 15 4.06 -4.18 -6.66
CA PHE A 15 2.71 -4.29 -7.27
C PHE A 15 2.39 -3.04 -8.11
N LYS A 16 3.07 -2.94 -9.25
CA LYS A 16 2.87 -1.87 -10.25
C LYS A 16 1.50 -1.99 -10.95
N ASN A 17 0.94 -3.22 -10.93
CA ASN A 17 -0.34 -3.56 -11.61
C ASN A 17 -1.54 -3.48 -10.63
N CYS A 18 -1.31 -2.89 -9.45
CA CYS A 18 -2.36 -2.72 -8.41
C CYS A 18 -2.31 -1.29 -7.84
N GLU A 19 -3.48 -0.78 -7.36
CA GLU A 19 -3.60 0.58 -6.78
C GLU A 19 -3.09 0.55 -5.33
N VAL A 20 -1.78 0.70 -5.18
CA VAL A 20 -1.15 0.81 -3.87
C VAL A 20 -1.27 2.27 -3.41
N ARG A 21 -2.13 2.51 -2.42
CA ARG A 21 -2.45 3.84 -1.94
C ARG A 21 -1.85 4.05 -0.54
N CYS A 22 -1.05 5.12 -0.41
CA CYS A 22 -0.34 5.46 0.82
C CYS A 22 -1.28 6.15 1.82
N ASP A 23 -0.98 5.95 3.10
CA ASP A 23 -1.78 6.48 4.22
C ASP A 23 -0.87 6.75 5.42
N GLU A 24 -1.31 7.66 6.28
CA GLU A 24 -0.66 8.02 7.54
C GLU A 24 -1.73 8.38 8.59
N SER A 25 -3.01 8.38 8.17
CA SER A 25 -4.14 8.83 8.99
C SER A 25 -4.55 7.72 9.98
N ASN A 26 -4.62 6.47 9.50
CA ASN A 26 -4.88 5.27 10.35
C ASN A 26 -3.66 4.32 10.35
N HIS A 27 -2.61 4.72 9.58
CA HIS A 27 -1.36 3.95 9.39
C HIS A 27 -1.63 2.55 8.82
N CYS A 28 -2.07 2.51 7.54
CA CYS A 28 -2.33 1.26 6.84
C CYS A 28 -2.35 1.48 5.31
N VAL A 29 -1.57 0.67 4.59
CA VAL A 29 -1.45 0.70 3.12
C VAL A 29 -2.46 -0.27 2.50
N GLU A 30 -3.44 0.25 1.74
CA GLU A 30 -4.36 -0.59 0.95
C GLU A 30 -3.77 -0.76 -0.46
N VAL A 31 -3.86 -1.98 -1.00
CA VAL A 31 -3.41 -2.32 -2.35
C VAL A 31 -4.60 -2.94 -3.08
N ARG A 32 -5.13 -2.22 -4.08
CA ARG A 32 -6.38 -2.55 -4.75
C ARG A 32 -6.11 -3.03 -6.18
N CYS A 33 -5.92 -4.35 -6.34
CA CYS A 33 -5.70 -4.97 -7.67
C CYS A 33 -6.99 -4.94 -8.50
N SER A 34 -7.94 -5.85 -8.21
CA SER A 34 -9.25 -5.92 -8.89
C SER A 34 -10.26 -6.66 -7.97
N ASP A 35 -10.08 -7.99 -7.89
CA ASP A 35 -10.94 -8.89 -7.08
C ASP A 35 -10.24 -9.28 -5.78
N THR A 36 -8.91 -9.01 -5.71
CA THR A 36 -8.08 -9.40 -4.57
C THR A 36 -8.20 -8.34 -3.44
N LYS A 37 -7.52 -7.18 -3.64
CA LYS A 37 -7.53 -6.04 -2.70
C LYS A 37 -7.13 -6.47 -1.25
N TYR A 38 -5.84 -6.35 -0.93
CA TYR A 38 -5.28 -6.70 0.39
C TYR A 38 -4.74 -5.42 1.04
N THR A 39 -4.75 -5.39 2.38
CA THR A 39 -4.47 -4.20 3.17
C THR A 39 -3.38 -4.51 4.24
N LEU A 40 -2.17 -3.96 4.03
CA LEU A 40 -0.98 -4.14 4.89
C LEU A 40 -0.87 -2.95 5.85
N CYS A 41 -1.31 -3.13 7.10
CA CYS A 41 -1.30 -2.07 8.12
C CYS A 41 0.09 -1.93 8.77
N SER A 1 10.75 3.88 12.10
CA SER A 1 10.36 5.19 11.52
C SER A 1 9.87 5.00 10.08
N GLN A 2 8.73 5.64 9.72
CA GLN A 2 8.22 5.74 8.34
C GLN A 2 7.76 4.34 7.82
N GLU A 3 7.20 3.52 8.73
CA GLU A 3 6.85 2.10 8.46
C GLU A 3 5.88 1.99 7.27
N THR A 4 4.69 2.59 7.46
CA THR A 4 3.57 2.50 6.51
C THR A 4 3.82 3.33 5.22
N ARG A 5 4.61 4.41 5.34
CA ARG A 5 4.88 5.33 4.22
C ARG A 5 5.81 4.66 3.20
N LYS A 6 6.94 4.09 3.69
CA LYS A 6 7.90 3.37 2.83
C LYS A 6 7.29 2.04 2.36
N LYS A 7 6.35 1.48 3.16
CA LYS A 7 5.66 0.23 2.86
C LYS A 7 4.84 0.39 1.58
N CYS A 8 4.16 1.54 1.45
CA CYS A 8 3.41 1.90 0.24
C CYS A 8 4.37 2.07 -0.94
N THR A 9 5.54 2.70 -0.69
CA THR A 9 6.60 2.90 -1.70
C THR A 9 7.13 1.53 -2.20
N GLU A 10 7.23 0.58 -1.27
CA GLU A 10 7.71 -0.79 -1.54
C GLU A 10 6.64 -1.59 -2.31
N MET A 11 5.37 -1.36 -1.94
CA MET A 11 4.22 -1.97 -2.62
C MET A 11 4.07 -1.39 -4.03
N LYS A 12 4.56 -0.15 -4.27
CA LYS A 12 4.65 0.43 -5.64
C LYS A 12 5.67 -0.34 -6.46
N LYS A 13 6.84 -0.57 -5.85
CA LYS A 13 8.00 -1.26 -6.46
C LYS A 13 7.70 -2.73 -6.79
N LYS A 14 6.83 -3.36 -5.97
CA LYS A 14 6.44 -4.77 -6.14
C LYS A 14 5.16 -4.88 -6.98
N PHE A 15 4.22 -3.93 -6.78
CA PHE A 15 2.86 -4.00 -7.34
C PHE A 15 2.56 -2.77 -8.23
N LYS A 16 3.20 -2.73 -9.41
CA LYS A 16 2.89 -1.72 -10.45
C LYS A 16 1.62 -2.10 -11.25
N ASN A 17 1.14 -3.35 -11.08
CA ASN A 17 -0.12 -3.83 -11.70
C ASN A 17 -1.33 -3.49 -10.80
N CYS A 18 -1.05 -3.18 -9.52
CA CYS A 18 -2.08 -2.96 -8.49
C CYS A 18 -2.17 -1.48 -8.09
N GLU A 19 -3.37 -1.01 -7.62
CA GLU A 19 -3.56 0.38 -7.14
C GLU A 19 -3.18 0.46 -5.67
N VAL A 20 -1.93 0.81 -5.41
CA VAL A 20 -1.38 0.90 -4.05
C VAL A 20 -1.73 2.28 -3.44
N ARG A 21 -2.43 2.28 -2.29
CA ARG A 21 -2.88 3.52 -1.62
C ARG A 21 -2.11 3.72 -0.31
N CYS A 22 -1.30 4.79 -0.27
CA CYS A 22 -0.49 5.17 0.90
C CYS A 22 -1.38 5.85 1.95
N ASP A 23 -1.01 5.66 3.24
CA ASP A 23 -1.74 6.27 4.37
C ASP A 23 -0.82 6.36 5.59
N GLU A 24 -1.07 7.38 6.43
CA GLU A 24 -0.45 7.56 7.75
C GLU A 24 -1.45 8.22 8.72
N SER A 25 -2.75 8.23 8.35
CA SER A 25 -3.82 8.77 9.20
C SER A 25 -4.24 7.69 10.21
N ASN A 26 -4.45 6.45 9.70
CA ASN A 26 -4.66 5.26 10.55
C ASN A 26 -3.42 4.34 10.51
N HIS A 27 -2.42 4.74 9.68
CA HIS A 27 -1.16 4.01 9.45
C HIS A 27 -1.40 2.64 8.81
N CYS A 28 -1.66 2.65 7.50
CA CYS A 28 -1.88 1.43 6.70
C CYS A 28 -1.61 1.69 5.20
N VAL A 29 -1.67 0.60 4.41
CA VAL A 29 -1.56 0.65 2.94
C VAL A 29 -2.68 -0.23 2.36
N GLU A 30 -3.66 0.37 1.67
CA GLU A 30 -4.70 -0.39 0.96
C GLU A 30 -4.25 -0.60 -0.48
N VAL A 31 -3.94 -1.84 -0.87
CA VAL A 31 -3.60 -2.13 -2.25
C VAL A 31 -4.83 -2.76 -2.94
N ARG A 32 -5.51 -1.94 -3.74
CA ARG A 32 -6.69 -2.32 -4.52
C ARG A 32 -6.22 -2.77 -5.91
N CYS A 33 -5.80 -4.04 -6.01
CA CYS A 33 -5.14 -4.54 -7.22
C CYS A 33 -6.11 -4.58 -8.42
N SER A 34 -7.26 -5.25 -8.23
CA SER A 34 -8.37 -5.28 -9.21
C SER A 34 -9.54 -6.04 -8.59
N ASP A 35 -9.22 -7.22 -8.02
CA ASP A 35 -10.20 -8.13 -7.41
C ASP A 35 -9.94 -8.30 -5.91
N THR A 36 -8.66 -8.45 -5.56
CA THR A 36 -8.22 -8.89 -4.22
C THR A 36 -8.51 -7.82 -3.14
N LYS A 37 -7.85 -6.65 -3.29
CA LYS A 37 -7.85 -5.57 -2.29
C LYS A 37 -7.36 -6.08 -0.91
N TYR A 38 -6.03 -6.12 -0.77
CA TYR A 38 -5.34 -6.57 0.47
C TYR A 38 -4.71 -5.35 1.14
N THR A 39 -4.84 -5.27 2.47
CA THR A 39 -4.54 -4.06 3.23
C THR A 39 -3.43 -4.34 4.27
N LEU A 40 -2.22 -3.82 3.95
CA LEU A 40 -1.00 -3.96 4.77
C LEU A 40 -0.91 -2.83 5.82
N CYS A 41 -1.42 -3.10 7.04
CA CYS A 41 -1.47 -2.10 8.13
C CYS A 41 -0.27 -2.29 9.09
N SER A 1 6.11 10.28 10.20
CA SER A 1 6.24 8.85 10.52
C SER A 1 6.18 8.02 9.23
N GLN A 2 7.38 7.64 8.73
CA GLN A 2 7.53 6.87 7.47
C GLN A 2 7.44 5.34 7.74
N GLU A 3 6.61 4.98 8.73
CA GLU A 3 6.31 3.59 9.10
C GLU A 3 5.61 2.88 7.91
N THR A 4 4.36 3.29 7.67
CA THR A 4 3.53 2.78 6.57
C THR A 4 3.91 3.47 5.23
N ARG A 5 4.52 4.66 5.30
CA ARG A 5 4.86 5.47 4.10
C ARG A 5 6.03 4.86 3.32
N LYS A 6 6.98 4.23 4.04
CA LYS A 6 8.06 3.44 3.40
C LYS A 6 7.45 2.23 2.68
N LYS A 7 6.39 1.66 3.33
CA LYS A 7 5.64 0.50 2.82
C LYS A 7 4.87 0.87 1.55
N CYS A 8 4.50 2.16 1.42
CA CYS A 8 3.89 2.70 0.19
C CYS A 8 4.79 2.40 -1.03
N THR A 9 6.08 2.76 -0.89
CA THR A 9 7.10 2.58 -1.93
C THR A 9 7.42 1.07 -2.14
N GLU A 10 7.43 0.33 -1.01
CA GLU A 10 7.65 -1.12 -0.96
C GLU A 10 6.61 -1.87 -1.82
N MET A 11 5.35 -1.40 -1.73
CA MET A 11 4.22 -1.96 -2.49
C MET A 11 4.21 -1.42 -3.95
N LYS A 12 4.80 -0.22 -4.19
CA LYS A 12 4.93 0.36 -5.56
C LYS A 12 5.92 -0.47 -6.43
N LYS A 13 7.02 -0.92 -5.80
CA LYS A 13 8.09 -1.69 -6.47
C LYS A 13 7.61 -3.10 -6.88
N LYS A 14 6.64 -3.64 -6.14
CA LYS A 14 6.05 -4.97 -6.41
C LYS A 14 4.79 -4.81 -7.27
N PHE A 15 3.81 -4.11 -6.69
CA PHE A 15 2.43 -4.00 -7.20
C PHE A 15 2.28 -2.73 -8.05
N LYS A 16 3.01 -2.74 -9.17
CA LYS A 16 3.08 -1.61 -10.12
C LYS A 16 1.82 -1.51 -11.00
N ASN A 17 1.04 -2.59 -11.04
CA ASN A 17 -0.23 -2.67 -11.82
C ASN A 17 -1.46 -2.57 -10.89
N CYS A 18 -1.22 -2.65 -9.57
CA CYS A 18 -2.28 -2.58 -8.54
C CYS A 18 -2.43 -1.16 -7.99
N GLU A 19 -3.62 -0.84 -7.46
CA GLU A 19 -3.91 0.45 -6.84
C GLU A 19 -3.40 0.46 -5.38
N VAL A 20 -2.15 0.86 -5.20
CA VAL A 20 -1.49 0.94 -3.88
C VAL A 20 -1.89 2.28 -3.21
N ARG A 21 -2.74 2.19 -2.17
CA ARG A 21 -3.25 3.36 -1.44
C ARG A 21 -2.54 3.45 -0.08
N CYS A 22 -1.59 4.36 0.08
CA CYS A 22 -0.84 4.53 1.34
C CYS A 22 -1.32 5.79 2.08
N ASP A 23 -1.24 5.77 3.42
CA ASP A 23 -1.82 6.82 4.26
C ASP A 23 -1.26 6.69 5.68
N GLU A 24 -0.56 7.75 6.16
CA GLU A 24 0.12 7.75 7.47
C GLU A 24 -0.86 7.96 8.64
N SER A 25 -2.04 8.54 8.35
CA SER A 25 -3.11 8.76 9.33
C SER A 25 -3.89 7.44 9.56
N ASN A 26 -4.02 6.64 8.48
CA ASN A 26 -4.66 5.30 8.54
C ASN A 26 -3.67 4.26 9.09
N HIS A 27 -2.35 4.52 8.90
CA HIS A 27 -1.25 3.59 9.29
C HIS A 27 -1.32 2.27 8.52
N CYS A 28 -1.91 2.33 7.32
CA CYS A 28 -2.26 1.15 6.52
C CYS A 28 -2.18 1.47 5.03
N VAL A 29 -1.58 0.55 4.27
CA VAL A 29 -1.55 0.60 2.81
C VAL A 29 -2.54 -0.43 2.26
N GLU A 30 -3.65 0.05 1.66
CA GLU A 30 -4.63 -0.82 0.98
C GLU A 30 -4.26 -0.92 -0.50
N VAL A 31 -3.84 -2.09 -0.92
CA VAL A 31 -3.54 -2.35 -2.31
C VAL A 31 -4.75 -3.06 -2.94
N ARG A 32 -5.49 -2.31 -3.75
CA ARG A 32 -6.63 -2.80 -4.52
C ARG A 32 -6.16 -3.22 -5.91
N CYS A 33 -5.73 -4.48 -6.04
CA CYS A 33 -5.37 -5.04 -7.35
C CYS A 33 -6.64 -5.17 -8.24
N SER A 34 -7.56 -6.09 -7.86
CA SER A 34 -8.90 -6.22 -8.48
C SER A 34 -9.77 -7.26 -7.71
N ASP A 35 -9.40 -8.54 -7.84
CA ASP A 35 -10.20 -9.68 -7.34
C ASP A 35 -9.98 -9.95 -5.84
N THR A 36 -8.79 -9.53 -5.36
CA THR A 36 -8.34 -9.81 -3.98
C THR A 36 -8.57 -8.57 -3.09
N LYS A 37 -7.71 -7.52 -3.29
CA LYS A 37 -7.66 -6.31 -2.44
C LYS A 37 -7.21 -6.68 -1.00
N TYR A 38 -6.04 -6.17 -0.61
CA TYR A 38 -5.39 -6.51 0.67
C TYR A 38 -4.86 -5.24 1.32
N THR A 39 -4.78 -5.24 2.66
CA THR A 39 -4.35 -4.07 3.44
C THR A 39 -3.21 -4.46 4.39
N LEU A 40 -1.99 -4.02 4.05
CA LEU A 40 -0.78 -4.24 4.84
C LEU A 40 -0.56 -3.03 5.76
N CYS A 41 -0.76 -3.22 7.05
CA CYS A 41 -0.54 -2.21 8.08
C CYS A 41 0.80 -2.51 8.79
N SER A 1 8.14 9.28 11.62
CA SER A 1 8.55 7.88 11.42
C SER A 1 8.12 7.41 10.03
N GLN A 2 9.08 6.96 9.20
CA GLN A 2 8.81 6.37 7.87
C GLN A 2 8.36 4.90 8.07
N GLU A 3 7.10 4.75 8.50
CA GLU A 3 6.47 3.46 8.84
C GLU A 3 5.65 2.95 7.63
N THR A 4 4.42 3.50 7.49
CA THR A 4 3.44 3.03 6.48
C THR A 4 3.81 3.52 5.07
N ARG A 5 4.53 4.66 5.00
CA ARG A 5 5.01 5.23 3.72
C ARG A 5 6.14 4.37 3.14
N LYS A 6 7.02 3.83 4.02
CA LYS A 6 8.08 2.87 3.62
C LYS A 6 7.43 1.65 2.96
N LYS A 7 6.40 1.11 3.65
CA LYS A 7 5.64 -0.06 3.20
C LYS A 7 4.99 0.23 1.85
N CYS A 8 4.36 1.43 1.75
CA CYS A 8 3.75 1.93 0.52
C CYS A 8 4.75 1.93 -0.65
N THR A 9 5.98 2.43 -0.39
CA THR A 9 7.03 2.59 -1.39
C THR A 9 7.44 1.21 -1.97
N GLU A 10 7.57 0.21 -1.07
CA GLU A 10 7.87 -1.19 -1.46
C GLU A 10 6.69 -1.79 -2.26
N MET A 11 5.45 -1.50 -1.81
CA MET A 11 4.22 -1.97 -2.48
C MET A 11 4.04 -1.31 -3.87
N LYS A 12 4.59 -0.09 -4.04
CA LYS A 12 4.55 0.63 -5.34
C LYS A 12 5.51 -0.02 -6.34
N LYS A 13 6.69 -0.44 -5.84
CA LYS A 13 7.72 -1.10 -6.65
C LYS A 13 7.25 -2.51 -7.08
N LYS A 14 6.73 -3.26 -6.10
CA LYS A 14 6.14 -4.59 -6.29
C LYS A 14 4.86 -4.48 -7.15
N PHE A 15 3.81 -3.97 -6.51
CA PHE A 15 2.45 -3.95 -7.05
C PHE A 15 2.24 -2.66 -7.87
N LYS A 16 2.96 -2.63 -9.01
CA LYS A 16 3.02 -1.49 -9.92
C LYS A 16 1.69 -1.25 -10.65
N ASN A 17 1.07 -2.37 -11.09
CA ASN A 17 -0.21 -2.34 -11.83
C ASN A 17 -1.41 -2.58 -10.89
N CYS A 18 -1.12 -2.66 -9.58
CA CYS A 18 -2.14 -2.80 -8.53
C CYS A 18 -2.27 -1.47 -7.74
N GLU A 19 -3.50 -1.04 -7.41
CA GLU A 19 -3.75 0.30 -6.85
C GLU A 19 -3.34 0.36 -5.37
N VAL A 20 -2.09 0.76 -5.14
CA VAL A 20 -1.51 0.85 -3.78
C VAL A 20 -1.94 2.19 -3.14
N ARG A 21 -2.84 2.10 -2.15
CA ARG A 21 -3.41 3.27 -1.45
C ARG A 21 -2.64 3.49 -0.14
N CYS A 22 -1.81 4.54 -0.12
CA CYS A 22 -0.93 4.88 1.00
C CYS A 22 -1.55 6.03 1.81
N ASP A 23 -1.23 6.13 3.12
CA ASP A 23 -1.80 7.17 4.00
C ASP A 23 -1.14 7.17 5.40
N GLU A 24 -0.73 8.38 5.84
CA GLU A 24 -0.02 8.59 7.12
C GLU A 24 -0.99 8.52 8.31
N SER A 25 -2.22 9.06 8.14
CA SER A 25 -3.21 9.19 9.22
C SER A 25 -3.83 7.83 9.55
N ASN A 26 -3.98 7.00 8.50
CA ASN A 26 -4.50 5.64 8.59
C ASN A 26 -3.43 4.73 9.22
N HIS A 27 -2.15 5.01 8.88
CA HIS A 27 -0.99 4.18 9.27
C HIS A 27 -1.11 2.77 8.67
N CYS A 28 -1.67 2.72 7.45
CA CYS A 28 -1.93 1.46 6.74
C CYS A 28 -1.99 1.67 5.21
N VAL A 29 -1.60 0.62 4.47
CA VAL A 29 -1.63 0.57 3.00
C VAL A 29 -2.69 -0.46 2.55
N GLU A 30 -3.61 -0.03 1.67
CA GLU A 30 -4.58 -0.94 1.03
C GLU A 30 -4.23 -1.07 -0.46
N VAL A 31 -3.84 -2.28 -0.89
CA VAL A 31 -3.54 -2.52 -2.30
C VAL A 31 -4.77 -3.16 -2.97
N ARG A 32 -5.47 -2.36 -3.77
CA ARG A 32 -6.67 -2.75 -4.51
C ARG A 32 -6.28 -3.02 -5.97
N CYS A 33 -5.78 -4.22 -6.27
CA CYS A 33 -5.26 -4.53 -7.62
C CYS A 33 -6.40 -4.52 -8.66
N SER A 34 -7.46 -5.29 -8.38
CA SER A 34 -8.68 -5.35 -9.21
C SER A 34 -9.73 -6.19 -8.49
N ASP A 35 -9.34 -7.44 -8.17
CA ASP A 35 -10.22 -8.48 -7.60
C ASP A 35 -9.63 -9.03 -6.29
N THR A 36 -8.29 -8.95 -6.13
CA THR A 36 -7.60 -9.43 -4.92
C THR A 36 -7.93 -8.52 -3.71
N LYS A 37 -7.41 -7.27 -3.78
CA LYS A 37 -7.62 -6.23 -2.75
C LYS A 37 -7.21 -6.73 -1.34
N TYR A 38 -5.91 -6.62 -1.05
CA TYR A 38 -5.28 -7.02 0.22
C TYR A 38 -4.76 -5.79 0.96
N THR A 39 -4.71 -5.87 2.30
CA THR A 39 -4.34 -4.75 3.17
C THR A 39 -3.10 -5.10 4.02
N LEU A 40 -2.06 -4.27 3.87
CA LEU A 40 -0.79 -4.37 4.61
C LEU A 40 -0.63 -3.08 5.45
N CYS A 41 -0.96 -3.17 6.74
CA CYS A 41 -0.93 -2.02 7.66
C CYS A 41 0.47 -1.85 8.30
#